data_3ZYX
#
_entry.id   3ZYX
#
_cell.length_a   131.900
_cell.length_b   224.960
_cell.length_c   86.630
_cell.angle_alpha   90.00
_cell.angle_beta   90.00
_cell.angle_gamma   90.00
#
_symmetry.space_group_name_H-M   'C 2 2 2'
#
loop_
_entity.id
_entity.type
_entity.pdbx_description
1 polymer 'AMINE OXIDASE [FLAVIN-CONTAINING] B'
2 non-polymer 'FLAVIN-ADENINE DINUCLEOTIDE'
3 non-polymer 3,7-BIS(DIMETHYLAMINO)PHENOTHIAZIN-5-IUM
4 water water
#
_entity_poly.entity_id   1
_entity_poly.type   'polypeptide(L)'
_entity_poly.pdbx_seq_one_letter_code
;SNKCDVVVVGGGISGMAAAKLLHDSGLNVVVLEARDRVGGRTYTLRNQKVKYVDLGGSYVGPTQNRILRLAKELGLETYK
VNEVERLIHHVKGKSYPFRGPFPPVWNPITYLDHNNFWRTMDDMGREIPSDAPWKAPLAEEWDNMTMKELLDKLCWTESA
KQLATLFVNLCVTAETHEVSALWFLWYVKQCGGTTRIASTTNGGQERKFVGGSGQVSERIMDLLGDRVKLERPVIYIDQT
RENVLVETLNHEMYEAKYVISAIPPTLGMKIHFNPPLPMMRNQMITRVPLGSVIKCIVYYKEPFWRKKDYCGTMIIDGEE
APVAATLDDTKPEGNYAAIMGFILAHKARKLARLTKEERLKKLCELYAKVLGSLEALEPVHYEEKNWCEEQYSGGCYTTY
FPPGILTQYGRVLRQPVDRIYFAGTETATHWSGYMEGAVEAGERAAREILHAMGKIPEDEIWQSEPESVDVPAQPITTTF
LERHLPSVPGLLRLIGLTTIFSATALGFLAHKRGLLVRV
;
_entity_poly.pdbx_strand_id   A,B
#
# COMPACT_ATOMS: atom_id res chain seq x y z
N ASN A 2 -1.86 -35.33 -3.13
CA ASN A 2 -1.67 -35.19 -1.64
C ASN A 2 -0.20 -35.00 -1.18
N LYS A 3 0.51 -36.11 -0.90
CA LYS A 3 1.74 -36.06 -0.08
C LYS A 3 3.03 -35.71 -0.84
N CYS A 4 3.85 -34.83 -0.26
CA CYS A 4 5.19 -34.55 -0.77
C CYS A 4 6.09 -33.94 0.31
N ASP A 5 7.34 -33.66 -0.04
CA ASP A 5 8.28 -33.01 0.88
C ASP A 5 8.07 -31.49 0.98
N VAL A 6 7.97 -30.83 -0.18
CA VAL A 6 7.83 -29.36 -0.26
C VAL A 6 6.79 -28.96 -1.29
N VAL A 7 5.85 -28.11 -0.89
CA VAL A 7 4.93 -27.52 -1.84
C VAL A 7 5.45 -26.12 -2.19
N VAL A 8 5.58 -25.87 -3.48
CA VAL A 8 5.95 -24.55 -3.98
C VAL A 8 4.72 -23.83 -4.50
N VAL A 9 4.43 -22.69 -3.90
CA VAL A 9 3.32 -21.86 -4.38
C VAL A 9 3.83 -20.85 -5.42
N GLY A 10 3.36 -21.00 -6.66
CA GLY A 10 3.81 -20.14 -7.77
C GLY A 10 4.81 -20.80 -8.69
N GLY A 11 4.48 -20.88 -9.97
CA GLY A 11 5.42 -21.36 -10.97
C GLY A 11 5.97 -20.29 -11.89
N GLY A 12 6.42 -19.16 -11.32
CA GLY A 12 7.20 -18.19 -12.07
C GLY A 12 8.67 -18.60 -12.00
N ILE A 13 9.58 -17.76 -12.50
CA ILE A 13 11.00 -18.16 -12.44
C ILE A 13 11.47 -18.57 -11.03
N SER A 14 11.11 -17.81 -9.99
CA SER A 14 11.57 -18.09 -8.63
C SER A 14 11.06 -19.44 -8.07
N GLY A 15 9.75 -19.67 -8.20
CA GLY A 15 9.18 -20.96 -7.86
C GLY A 15 9.83 -22.11 -8.62
N MET A 16 9.90 -21.98 -9.95
CA MET A 16 10.49 -23.03 -10.78
C MET A 16 11.97 -23.30 -10.45
N ALA A 17 12.79 -22.25 -10.26
CA ALA A 17 14.20 -22.43 -9.81
C ALA A 17 14.32 -23.16 -8.46
N ALA A 18 13.44 -22.79 -7.53
CA ALA A 18 13.38 -23.42 -6.21
C ALA A 18 12.98 -24.89 -6.30
N ALA A 19 12.00 -25.19 -7.13
CA ALA A 19 11.51 -26.55 -7.29
C ALA A 19 12.59 -27.40 -7.94
N LYS A 20 13.28 -26.84 -8.94
CA LYS A 20 14.34 -27.54 -9.62
C LYS A 20 15.46 -27.94 -8.67
N LEU A 21 15.84 -27.04 -7.78
CA LEU A 21 16.96 -27.29 -6.87
C LEU A 21 16.59 -28.39 -5.88
N LEU A 22 15.39 -28.31 -5.32
CA LEU A 22 14.87 -29.28 -4.39
C LEU A 22 14.78 -30.68 -5.04
N HIS A 23 14.29 -30.71 -6.27
CA HIS A 23 14.13 -31.94 -7.06
C HIS A 23 15.49 -32.56 -7.32
N ASP A 24 16.44 -31.73 -7.80
CA ASP A 24 17.83 -32.18 -8.04
C ASP A 24 18.54 -32.73 -6.79
N SER A 25 18.04 -32.38 -5.62
CA SER A 25 18.61 -32.84 -4.35
C SER A 25 17.84 -34.05 -3.78
N GLY A 26 16.97 -34.66 -4.57
CA GLY A 26 16.27 -35.86 -4.14
C GLY A 26 14.94 -35.71 -3.40
N LEU A 27 14.47 -34.47 -3.20
CA LEU A 27 13.15 -34.28 -2.61
C LEU A 27 12.02 -34.42 -3.62
N ASN A 28 10.84 -34.76 -3.10
CA ASN A 28 9.59 -34.80 -3.86
C ASN A 28 8.90 -33.45 -3.72
N VAL A 29 8.74 -32.77 -4.84
CA VAL A 29 8.21 -31.42 -4.85
C VAL A 29 7.01 -31.34 -5.77
N VAL A 30 6.08 -30.48 -5.38
CA VAL A 30 4.93 -30.18 -6.18
C VAL A 30 4.94 -28.66 -6.33
N VAL A 31 4.58 -28.19 -7.53
CA VAL A 31 4.44 -26.76 -7.77
C VAL A 31 2.97 -26.49 -8.06
N LEU A 32 2.38 -25.56 -7.31
CA LEU A 32 1.00 -25.17 -7.52
C LEU A 32 0.94 -23.81 -8.20
N GLU A 33 0.55 -23.82 -9.47
CA GLU A 33 0.48 -22.59 -10.26
C GLU A 33 -0.98 -22.20 -10.48
N ALA A 34 -1.28 -20.94 -10.16
CA ALA A 34 -2.61 -20.38 -10.30
C ALA A 34 -3.14 -20.38 -11.75
N ARG A 35 -2.27 -19.98 -12.70
CA ARG A 35 -2.60 -19.81 -14.12
C ARG A 35 -2.56 -21.09 -14.99
N ASP A 36 -3.08 -21.01 -16.21
CA ASP A 36 -2.96 -22.12 -17.16
C ASP A 36 -1.58 -22.21 -17.85
N ARG A 37 -0.56 -21.61 -17.24
CA ARG A 37 0.79 -21.56 -17.80
C ARG A 37 1.78 -21.23 -16.69
N VAL A 38 3.05 -21.59 -16.88
CA VAL A 38 4.11 -21.16 -15.99
C VAL A 38 4.71 -19.86 -16.54
N GLY A 39 5.62 -19.23 -15.81
CA GLY A 39 6.31 -18.02 -16.29
C GLY A 39 6.04 -16.78 -15.47
N GLY A 40 4.77 -16.56 -15.12
CA GLY A 40 4.37 -15.48 -14.21
C GLY A 40 4.47 -14.11 -14.83
N ARG A 41 5.41 -13.30 -14.36
CA ARG A 41 5.68 -12.00 -14.97
C ARG A 41 6.56 -12.08 -16.23
N THR A 42 7.00 -13.27 -16.59
CA THR A 42 7.56 -13.48 -17.94
C THR A 42 6.50 -14.22 -18.75
N TYR A 43 6.35 -13.84 -20.00
CA TYR A 43 5.40 -14.50 -20.88
C TYR A 43 5.82 -14.25 -22.32
N THR A 44 6.11 -15.32 -23.04
CA THR A 44 6.52 -15.24 -24.45
C THR A 44 5.36 -15.58 -25.39
N LEU A 45 4.87 -14.61 -26.17
CA LEU A 45 3.82 -14.91 -27.14
C LEU A 45 4.43 -15.51 -28.43
N ARG A 46 3.83 -16.61 -28.93
CA ARG A 46 4.17 -17.16 -30.27
C ARG A 46 2.98 -17.09 -31.22
N ASN A 47 3.21 -16.50 -32.39
CA ASN A 47 2.31 -16.52 -33.54
C ASN A 47 3.11 -16.27 -34.81
N GLN A 48 2.48 -16.37 -35.96
CA GLN A 48 3.22 -16.29 -37.24
C GLN A 48 3.65 -14.88 -37.60
N LYS A 49 2.92 -13.88 -37.13
CA LYS A 49 3.29 -12.49 -37.39
C LYS A 49 4.56 -12.06 -36.67
N VAL A 50 4.76 -12.54 -35.44
CA VAL A 50 5.91 -12.10 -34.64
C VAL A 50 7.00 -13.16 -34.49
N LYS A 51 6.66 -14.41 -34.81
CA LYS A 51 7.43 -15.62 -34.49
C LYS A 51 7.44 -15.88 -32.97
N TYR A 52 8.15 -15.03 -32.23
CA TYR A 52 8.05 -14.98 -30.77
C TYR A 52 8.23 -13.55 -30.25
N VAL A 53 7.63 -13.25 -29.09
CA VAL A 53 7.89 -11.96 -28.41
C VAL A 53 7.63 -12.01 -26.90
N ASP A 54 8.58 -11.48 -26.13
CA ASP A 54 8.41 -11.30 -24.71
C ASP A 54 7.45 -10.15 -24.42
N LEU A 55 6.35 -10.41 -23.72
CA LEU A 55 5.43 -9.35 -23.30
C LEU A 55 5.62 -8.97 -21.81
N GLY A 56 6.44 -9.76 -21.11
CA GLY A 56 6.80 -9.50 -19.72
C GLY A 56 8.31 -9.30 -19.65
N GLY A 57 8.93 -9.78 -18.57
CA GLY A 57 10.38 -9.70 -18.40
C GLY A 57 11.15 -10.27 -19.58
N SER A 58 12.23 -9.59 -19.96
CA SER A 58 12.92 -9.87 -21.22
C SER A 58 14.46 -9.72 -21.17
N TYR A 59 14.94 -8.55 -20.71
CA TYR A 59 16.35 -8.22 -20.69
C TYR A 59 17.14 -8.92 -19.58
N VAL A 60 18.33 -9.40 -19.95
CA VAL A 60 19.36 -9.83 -19.03
C VAL A 60 20.66 -9.13 -19.42
N GLY A 61 21.61 -9.09 -18.47
CA GLY A 61 22.90 -8.44 -18.72
C GLY A 61 23.99 -8.85 -17.73
N PRO A 62 25.20 -8.26 -17.88
CA PRO A 62 26.35 -8.48 -17.01
C PRO A 62 26.05 -8.27 -15.52
N THR A 63 26.67 -9.13 -14.71
CA THR A 63 26.44 -9.29 -13.24
C THR A 63 25.16 -10.05 -12.86
N GLN A 64 24.35 -10.43 -13.86
CA GLN A 64 23.17 -11.25 -13.58
C GLN A 64 23.52 -12.71 -13.84
N ASN A 65 24.42 -13.24 -13.01
CA ASN A 65 25.09 -14.53 -13.27
C ASN A 65 24.23 -15.78 -13.03
N ARG A 66 23.26 -15.68 -12.12
CA ARG A 66 22.37 -16.82 -11.82
C ARG A 66 21.34 -17.14 -12.91
N ILE A 67 20.69 -16.12 -13.46
CA ILE A 67 19.71 -16.32 -14.54
C ILE A 67 20.43 -16.84 -15.80
N LEU A 68 21.63 -16.32 -16.05
CA LEU A 68 22.45 -16.74 -17.18
C LEU A 68 22.88 -18.21 -17.09
N ARG A 69 23.42 -18.58 -15.93
CA ARG A 69 23.75 -19.96 -15.64
C ARG A 69 22.53 -20.90 -15.74
N LEU A 70 21.40 -20.49 -15.18
CA LEU A 70 20.22 -21.35 -15.21
C LEU A 70 19.72 -21.53 -16.64
N ALA A 71 19.69 -20.42 -17.39
CA ALA A 71 19.24 -20.47 -18.77
C ALA A 71 20.21 -21.30 -19.63
N LYS A 72 21.51 -21.13 -19.41
CA LYS A 72 22.49 -21.90 -20.18
C LYS A 72 22.36 -23.39 -19.90
N GLU A 73 22.23 -23.77 -18.62
CA GLU A 73 22.01 -25.18 -18.25
C GLU A 73 20.74 -25.76 -18.90
N LEU A 74 19.73 -24.91 -19.16
CA LEU A 74 18.52 -25.37 -19.84
C LEU A 74 18.67 -25.36 -21.37
N GLY A 75 19.87 -25.08 -21.87
CA GLY A 75 20.08 -25.07 -23.33
C GLY A 75 19.72 -23.78 -24.07
N LEU A 76 19.55 -22.67 -23.35
CA LEU A 76 19.20 -21.38 -23.97
C LEU A 76 20.42 -20.53 -24.36
N GLU A 77 20.22 -19.63 -25.33
CA GLU A 77 21.25 -18.67 -25.75
C GLU A 77 20.71 -17.26 -25.62
N THR A 78 21.62 -16.27 -25.53
CA THR A 78 21.28 -14.84 -25.54
C THR A 78 21.76 -14.23 -26.83
N TYR A 79 21.24 -13.05 -27.14
CA TYR A 79 21.79 -12.19 -28.18
C TYR A 79 21.78 -10.74 -27.71
N LYS A 80 22.56 -9.89 -28.39
CA LYS A 80 22.70 -8.51 -27.97
C LYS A 80 21.62 -7.60 -28.51
N VAL A 81 21.01 -6.82 -27.62
CA VAL A 81 20.10 -5.76 -28.05
C VAL A 81 20.88 -4.77 -28.95
N ASN A 82 20.20 -4.25 -29.99
CA ASN A 82 20.86 -3.40 -30.97
C ASN A 82 21.16 -2.00 -30.45
N GLU A 83 22.44 -1.69 -30.35
CA GLU A 83 22.90 -0.36 -29.98
C GLU A 83 24.04 0.15 -30.88
N VAL A 84 24.09 -0.31 -32.12
CA VAL A 84 25.17 0.10 -33.03
C VAL A 84 25.09 1.59 -33.40
N GLU A 85 23.90 2.07 -33.73
CA GLU A 85 23.72 3.44 -34.21
C GLU A 85 23.37 4.40 -33.04
N ARG A 86 22.99 5.65 -33.33
CA ARG A 86 22.81 6.67 -32.29
C ARG A 86 21.54 6.46 -31.46
N LEU A 87 21.63 6.77 -30.16
CA LEU A 87 20.48 6.84 -29.27
C LEU A 87 19.85 8.19 -29.50
N ILE A 88 18.63 8.39 -28.98
CA ILE A 88 17.95 9.68 -29.14
C ILE A 88 17.41 10.13 -27.78
N HIS A 89 17.67 11.39 -27.46
CA HIS A 89 17.05 12.05 -26.33
C HIS A 89 16.05 13.06 -26.88
N HIS A 90 14.77 12.84 -26.62
CA HIS A 90 13.75 13.77 -27.09
C HIS A 90 13.27 14.60 -25.93
N VAL A 91 13.44 15.92 -26.05
CA VAL A 91 13.04 16.80 -24.95
C VAL A 91 12.60 18.18 -25.49
N LYS A 92 11.48 18.67 -24.96
CA LYS A 92 10.90 19.94 -25.42
C LYS A 92 10.54 19.87 -26.91
N GLY A 93 9.97 18.73 -27.32
CA GLY A 93 9.51 18.51 -28.68
C GLY A 93 10.59 18.42 -29.75
N LYS A 94 11.85 18.24 -29.32
CA LYS A 94 13.00 18.17 -30.24
C LYS A 94 13.86 16.95 -29.95
N SER A 95 14.50 16.41 -30.99
CA SER A 95 15.36 15.23 -30.84
C SER A 95 16.85 15.57 -30.88
N TYR A 96 17.61 14.97 -29.96
CA TYR A 96 19.07 15.16 -29.87
C TYR A 96 19.78 13.80 -29.88
N PRO A 97 20.40 13.47 -31.02
CA PRO A 97 21.16 12.22 -31.16
C PRO A 97 22.41 12.23 -30.30
N PHE A 98 22.75 11.08 -29.76
CA PHE A 98 23.98 10.95 -29.02
C PHE A 98 24.47 9.52 -29.10
N ARG A 99 25.79 9.37 -29.03
CA ARG A 99 26.42 8.07 -28.88
C ARG A 99 26.82 8.03 -27.42
N GLY A 100 27.36 6.92 -26.97
CA GLY A 100 27.69 6.78 -25.57
C GLY A 100 26.43 6.44 -24.78
N PRO A 101 26.59 6.04 -23.52
CA PRO A 101 25.43 5.58 -22.75
C PRO A 101 24.37 6.65 -22.46
N PHE A 102 24.81 7.90 -22.22
CA PHE A 102 23.91 8.94 -21.69
C PHE A 102 23.99 10.29 -22.41
N PRO A 103 22.86 11.03 -22.46
CA PRO A 103 22.79 12.31 -23.17
C PRO A 103 23.82 13.30 -22.62
N PRO A 104 24.68 13.85 -23.51
CA PRO A 104 25.65 14.84 -23.04
C PRO A 104 24.96 16.13 -22.58
N VAL A 105 25.54 16.77 -21.58
CA VAL A 105 25.00 18.03 -21.07
C VAL A 105 26.05 19.10 -21.33
N TRP A 106 25.68 20.14 -22.09
CA TRP A 106 26.64 21.17 -22.53
C TRP A 106 26.74 22.38 -21.61
N ASN A 107 25.60 22.83 -21.10
CA ASN A 107 25.58 23.97 -20.18
C ASN A 107 26.32 23.62 -18.89
N PRO A 108 27.44 24.32 -18.62
CA PRO A 108 28.32 23.99 -17.50
C PRO A 108 27.64 23.93 -16.13
N ILE A 109 26.68 24.81 -15.86
CA ILE A 109 25.99 24.78 -14.57
C ILE A 109 25.14 23.52 -14.52
N THR A 110 24.42 23.29 -15.63
CA THR A 110 23.59 22.12 -15.82
C THR A 110 24.43 20.83 -15.73
N TYR A 111 25.61 20.82 -16.34
CA TYR A 111 26.52 19.68 -16.23
C TYR A 111 26.88 19.38 -14.78
N LEU A 112 27.17 20.42 -14.00
CA LEU A 112 27.52 20.21 -12.60
C LEU A 112 26.37 19.55 -11.86
N ASP A 113 25.15 20.01 -12.15
CA ASP A 113 23.97 19.55 -11.44
C ASP A 113 23.68 18.09 -11.81
N HIS A 114 23.74 17.77 -13.10
CA HIS A 114 23.54 16.40 -13.59
C HIS A 114 24.60 15.45 -13.03
N ASN A 115 25.86 15.89 -13.01
CA ASN A 115 26.95 15.04 -12.56
C ASN A 115 26.79 14.76 -11.07
N ASN A 116 26.50 15.81 -10.31
CA ASN A 116 26.28 15.69 -8.88
C ASN A 116 25.09 14.78 -8.57
N PHE A 117 24.03 14.88 -9.34
CA PHE A 117 22.84 14.09 -9.04
C PHE A 117 23.11 12.57 -9.07
N TRP A 118 23.64 12.07 -10.18
CA TRP A 118 23.91 10.65 -10.33
C TRP A 118 24.91 10.18 -9.28
N ARG A 119 25.95 10.99 -9.10
CA ARG A 119 27.02 10.72 -8.15
C ARG A 119 26.44 10.54 -6.75
N THR A 120 25.60 11.47 -6.34
CA THR A 120 24.98 11.46 -5.01
C THR A 120 24.09 10.24 -4.77
N MET A 121 23.29 9.86 -5.76
CA MET A 121 22.47 8.64 -5.70
C MET A 121 23.38 7.45 -5.39
N ASP A 122 24.46 7.32 -6.15
CA ASP A 122 25.43 6.26 -5.87
C ASP A 122 26.09 6.43 -4.50
N ASP A 123 26.44 7.66 -4.14
CA ASP A 123 27.03 7.93 -2.81
C ASP A 123 26.07 7.50 -1.69
N MET A 124 24.80 7.87 -1.80
CA MET A 124 23.83 7.48 -0.78
C MET A 124 23.67 5.96 -0.78
N GLY A 125 23.64 5.37 -1.96
CA GLY A 125 23.44 3.93 -2.10
C GLY A 125 24.48 3.12 -1.34
N ARG A 126 25.74 3.60 -1.35
CA ARG A 126 26.82 2.88 -0.65
C ARG A 126 26.63 2.83 0.86
N GLU A 127 25.79 3.71 1.39
CA GLU A 127 25.44 3.71 2.81
C GLU A 127 24.43 2.63 3.18
N ILE A 128 23.85 1.97 2.18
CA ILE A 128 22.70 1.12 2.38
C ILE A 128 23.07 -0.37 2.25
N PRO A 129 23.05 -1.14 3.36
CA PRO A 129 23.35 -2.56 3.12
C PRO A 129 22.31 -3.25 2.20
N SER A 130 22.77 -4.03 1.23
CA SER A 130 21.89 -4.71 0.27
C SER A 130 20.92 -5.69 0.95
N ASP A 131 21.42 -6.38 1.98
CA ASP A 131 20.67 -7.41 2.68
C ASP A 131 19.85 -6.88 3.86
N ALA A 132 19.94 -5.58 4.12
CA ALA A 132 19.25 -4.95 5.23
C ALA A 132 19.21 -3.41 5.07
N PRO A 133 18.46 -2.91 4.05
CA PRO A 133 18.41 -1.46 3.80
C PRO A 133 18.06 -0.60 5.01
N TRP A 134 17.19 -1.11 5.88
CA TRP A 134 16.78 -0.45 7.12
C TRP A 134 17.94 -0.23 8.14
N LYS A 135 19.11 -0.81 7.86
CA LYS A 135 20.28 -0.58 8.72
C LYS A 135 21.15 0.61 8.27
N ALA A 136 20.82 1.26 7.16
CA ALA A 136 21.53 2.51 6.78
C ALA A 136 21.46 3.54 7.94
N PRO A 137 22.54 4.32 8.16
CA PRO A 137 22.53 5.24 9.29
C PRO A 137 21.38 6.27 9.28
N LEU A 138 20.98 6.71 8.10
CA LEU A 138 19.88 7.66 7.97
C LEU A 138 18.64 6.96 7.38
N ALA A 139 18.47 5.68 7.72
CA ALA A 139 17.40 4.88 7.18
C ALA A 139 16.06 5.59 7.38
N GLU A 140 15.77 5.99 8.62
CA GLU A 140 14.51 6.65 8.97
C GLU A 140 14.29 7.92 8.16
N GLU A 141 15.25 8.83 8.22
CA GLU A 141 15.20 10.10 7.51
C GLU A 141 14.92 9.89 6.00
N TRP A 142 15.67 8.98 5.39
CA TRP A 142 15.52 8.70 3.96
C TRP A 142 14.20 7.99 3.65
N ASP A 143 13.73 7.15 4.57
CA ASP A 143 12.47 6.41 4.34
C ASP A 143 11.21 7.30 4.51
N ASN A 144 11.32 8.36 5.32
CA ASN A 144 10.20 9.25 5.58
C ASN A 144 9.98 10.33 4.51
N MET A 145 10.68 10.18 3.40
CA MET A 145 10.75 11.18 2.35
C MET A 145 10.42 10.44 1.07
N THR A 146 9.72 11.07 0.12
CA THR A 146 9.48 10.39 -1.16
C THR A 146 10.63 10.68 -2.10
N MET A 147 10.70 9.94 -3.22
CA MET A 147 11.74 10.26 -4.20
C MET A 147 11.53 11.67 -4.75
N LYS A 148 10.28 12.15 -4.78
CA LYS A 148 10.00 13.50 -5.28
C LYS A 148 10.62 14.59 -4.41
N GLU A 149 10.41 14.51 -3.09
CA GLU A 149 11.08 15.37 -2.16
C GLU A 149 12.60 15.35 -2.37
N LEU A 150 13.20 14.17 -2.50
CA LEU A 150 14.66 14.07 -2.64
C LEU A 150 15.19 14.78 -3.88
N LEU A 151 14.50 14.61 -5.00
CA LEU A 151 14.81 15.32 -6.25
C LEU A 151 14.74 16.84 -6.10
N ASP A 152 13.63 17.34 -5.54
CA ASP A 152 13.45 18.79 -5.25
C ASP A 152 14.61 19.33 -4.41
N LYS A 153 15.16 18.51 -3.51
CA LYS A 153 16.31 18.96 -2.72
C LYS A 153 17.66 18.92 -3.45
N LEU A 154 17.85 17.91 -4.30
CA LEU A 154 19.16 17.69 -4.93
C LEU A 154 19.34 18.46 -6.21
N CYS A 155 18.25 18.65 -6.96
CA CYS A 155 18.35 19.12 -8.33
C CYS A 155 18.16 20.63 -8.43
N TRP A 156 19.25 21.34 -8.72
CA TRP A 156 19.21 22.80 -8.83
C TRP A 156 18.82 23.29 -10.22
N THR A 157 18.61 22.35 -11.15
CA THR A 157 18.10 22.72 -12.46
C THR A 157 16.88 21.86 -12.77
N GLU A 158 15.97 22.42 -13.54
CA GLU A 158 14.80 21.68 -14.01
C GLU A 158 15.21 20.52 -14.93
N SER A 159 16.24 20.74 -15.75
CA SER A 159 16.76 19.70 -16.67
C SER A 159 17.12 18.40 -15.92
N ALA A 160 17.83 18.56 -14.82
CA ALA A 160 18.26 17.42 -14.02
C ALA A 160 17.04 16.76 -13.36
N LYS A 161 16.12 17.59 -12.87
CA LYS A 161 14.92 17.09 -12.22
C LYS A 161 14.03 16.25 -13.15
N GLN A 162 13.81 16.75 -14.37
CA GLN A 162 13.06 16.04 -15.45
C GLN A 162 13.67 14.66 -15.77
N LEU A 163 14.99 14.65 -16.02
CA LEU A 163 15.72 13.44 -16.34
C LEU A 163 15.67 12.41 -15.20
N ALA A 164 15.94 12.87 -13.97
CA ALA A 164 15.81 12.06 -12.75
C ALA A 164 14.44 11.42 -12.58
N THR A 165 13.40 12.18 -12.92
CA THR A 165 11.99 11.74 -12.83
C THR A 165 11.68 10.59 -13.80
N LEU A 166 12.05 10.78 -15.07
CA LEU A 166 12.02 9.76 -16.10
C LEU A 166 12.81 8.51 -15.67
N PHE A 167 13.98 8.72 -15.10
CA PHE A 167 14.79 7.59 -14.58
C PHE A 167 14.02 6.80 -13.52
N VAL A 168 13.44 7.47 -12.55
CA VAL A 168 12.62 6.76 -11.55
C VAL A 168 11.44 6.03 -12.21
N ASN A 169 10.68 6.74 -13.04
CA ASN A 169 9.51 6.18 -13.69
C ASN A 169 9.89 4.89 -14.42
N LEU A 170 11.00 4.92 -15.18
CA LEU A 170 11.39 3.78 -16.02
C LEU A 170 11.95 2.62 -15.17
N CYS A 171 12.68 2.95 -14.10
CA CYS A 171 13.25 1.90 -13.22
C CYS A 171 12.20 1.13 -12.43
N VAL A 172 11.15 1.80 -11.95
CA VAL A 172 10.23 1.19 -10.96
C VAL A 172 8.71 1.35 -11.27
N THR A 173 8.42 1.82 -12.49
CA THR A 173 7.05 1.93 -13.02
C THR A 173 6.09 2.59 -12.02
N ALA A 174 6.61 3.61 -11.37
CA ALA A 174 5.86 4.36 -10.39
C ALA A 174 6.31 5.81 -10.42
N GLU A 175 5.51 6.67 -9.81
CA GLU A 175 5.80 8.09 -9.77
C GLU A 175 6.75 8.38 -8.64
N THR A 176 7.52 9.46 -8.78
CA THR A 176 8.46 9.89 -7.74
C THR A 176 7.81 10.18 -6.38
N HIS A 177 6.62 10.78 -6.39
CA HIS A 177 5.82 10.99 -5.16
C HIS A 177 5.25 9.70 -4.55
N GLU A 178 5.23 8.60 -5.29
CA GLU A 178 4.67 7.34 -4.77
C GLU A 178 5.66 6.55 -3.93
N VAL A 179 6.94 6.73 -4.21
CA VAL A 179 7.93 5.83 -3.63
C VAL A 179 8.81 6.41 -2.54
N SER A 180 9.24 5.53 -1.64
CA SER A 180 10.20 5.89 -0.60
C SER A 180 11.59 6.16 -1.19
N ALA A 181 12.24 7.21 -0.70
CA ALA A 181 13.60 7.50 -1.17
C ALA A 181 14.59 6.46 -0.70
N LEU A 182 14.48 6.02 0.57
CA LEU A 182 15.34 4.92 1.06
C LEU A 182 15.17 3.67 0.20
N TRP A 183 13.92 3.31 -0.11
CA TRP A 183 13.67 2.12 -0.96
C TRP A 183 14.23 2.31 -2.39
N PHE A 184 13.96 3.45 -3.01
CA PHE A 184 14.46 3.61 -4.38
C PHE A 184 16.01 3.61 -4.45
N LEU A 185 16.66 4.23 -3.47
CA LEU A 185 18.12 4.27 -3.37
C LEU A 185 18.72 2.87 -3.15
N TRP A 186 18.05 2.05 -2.32
CA TRP A 186 18.39 0.63 -2.16
C TRP A 186 18.26 -0.12 -3.48
N TYR A 187 17.12 0.09 -4.16
CA TYR A 187 16.80 -0.64 -5.35
C TYR A 187 17.89 -0.43 -6.45
N VAL A 188 18.26 0.81 -6.72
CA VAL A 188 19.35 1.09 -7.62
C VAL A 188 20.71 0.53 -7.16
N LYS A 189 21.01 0.65 -5.86
CA LYS A 189 22.30 0.18 -5.37
C LYS A 189 22.41 -1.33 -5.52
N GLN A 190 21.35 -2.06 -5.21
CA GLN A 190 21.40 -3.53 -5.24
C GLN A 190 21.37 -4.12 -6.65
N CYS A 191 21.09 -3.29 -7.67
CA CYS A 191 21.39 -3.64 -9.05
C CYS A 191 22.79 -3.20 -9.46
N GLY A 192 23.62 -2.76 -8.51
CA GLY A 192 25.00 -2.30 -8.83
C GLY A 192 25.20 -0.84 -9.26
N GLY A 193 24.21 0.03 -9.03
CA GLY A 193 24.37 1.48 -9.36
C GLY A 193 23.64 2.05 -10.56
N THR A 194 23.66 3.39 -10.70
CA THR A 194 22.89 4.08 -11.73
C THR A 194 23.31 3.74 -13.16
N THR A 195 24.60 3.57 -13.38
CA THR A 195 25.14 3.23 -14.69
C THR A 195 24.71 1.81 -15.10
N ARG A 196 24.96 0.84 -14.22
CA ARG A 196 24.63 -0.56 -14.49
C ARG A 196 23.13 -0.74 -14.74
N ILE A 197 22.30 -0.01 -14.00
CA ILE A 197 20.86 -0.23 -14.11
C ILE A 197 20.33 0.42 -15.38
N ALA A 198 20.92 1.56 -15.75
CA ALA A 198 20.42 2.35 -16.87
C ALA A 198 21.02 1.95 -18.22
N SER A 199 22.03 1.10 -18.23
CA SER A 199 22.77 0.85 -19.49
C SER A 199 22.27 -0.34 -20.31
N THR A 200 22.49 -0.25 -21.62
CA THR A 200 22.33 -1.40 -22.51
C THR A 200 23.64 -2.19 -22.60
N THR A 201 24.61 -1.71 -23.37
CA THR A 201 25.97 -2.27 -23.35
C THR A 201 26.51 -2.12 -21.93
N ASN A 202 26.97 -3.24 -21.36
CA ASN A 202 27.51 -3.31 -19.99
C ASN A 202 26.49 -3.09 -18.85
N GLY A 203 25.19 -3.10 -19.18
CA GLY A 203 24.17 -2.99 -18.15
C GLY A 203 23.03 -3.98 -18.27
N GLY A 204 21.95 -3.69 -17.56
CA GLY A 204 20.81 -4.59 -17.43
C GLY A 204 20.08 -4.90 -18.71
N GLN A 205 20.17 -4.03 -19.71
CA GLN A 205 19.43 -4.18 -20.97
C GLN A 205 20.29 -4.73 -22.14
N GLU A 206 21.45 -5.33 -21.84
CA GLU A 206 22.39 -5.71 -22.92
C GLU A 206 21.85 -6.78 -23.84
N ARG A 207 21.09 -7.72 -23.29
CA ARG A 207 20.73 -8.93 -24.03
C ARG A 207 19.29 -9.39 -23.79
N LYS A 208 18.82 -10.23 -24.71
CA LYS A 208 17.59 -11.00 -24.56
C LYS A 208 17.86 -12.47 -24.86
N PHE A 209 16.95 -13.36 -24.47
CA PHE A 209 17.09 -14.77 -24.84
C PHE A 209 16.53 -15.04 -26.22
N VAL A 210 17.30 -15.81 -27.00
CA VAL A 210 16.80 -16.34 -28.27
C VAL A 210 15.59 -17.23 -28.02
N GLY A 211 14.46 -16.83 -28.58
CA GLY A 211 13.22 -17.61 -28.44
C GLY A 211 12.34 -17.15 -27.29
N GLY A 212 12.86 -16.24 -26.45
CA GLY A 212 12.05 -15.64 -25.38
C GLY A 212 12.33 -16.19 -23.99
N SER A 213 12.10 -15.38 -22.95
CA SER A 213 12.45 -15.77 -21.60
C SER A 213 11.50 -16.80 -20.98
N GLY A 214 10.29 -16.88 -21.53
CA GLY A 214 9.27 -17.83 -21.06
C GLY A 214 9.76 -19.28 -21.07
N GLN A 215 10.64 -19.59 -22.00
CA GLN A 215 11.34 -20.88 -22.07
C GLN A 215 12.04 -21.31 -20.76
N VAL A 216 12.54 -20.36 -19.96
CA VAL A 216 13.17 -20.74 -18.66
C VAL A 216 12.17 -21.56 -17.84
N SER A 217 11.01 -20.97 -17.57
CA SER A 217 9.99 -21.63 -16.77
C SER A 217 9.42 -22.86 -17.46
N GLU A 218 9.23 -22.79 -18.78
CA GLU A 218 8.71 -23.92 -19.56
C GLU A 218 9.65 -25.13 -19.53
N ARG A 219 10.94 -24.90 -19.72
CA ARG A 219 11.90 -25.99 -19.72
C ARG A 219 12.05 -26.64 -18.34
N ILE A 220 11.95 -25.84 -17.28
CA ILE A 220 11.93 -26.42 -15.93
C ILE A 220 10.68 -27.27 -15.72
N MET A 221 9.53 -26.82 -16.26
CA MET A 221 8.29 -27.60 -16.19
C MET A 221 8.47 -28.96 -16.86
N ASP A 222 9.15 -28.97 -18.01
CA ASP A 222 9.43 -30.20 -18.75
C ASP A 222 10.22 -31.19 -17.92
N LEU A 223 11.27 -30.70 -17.25
CA LEU A 223 12.09 -31.49 -16.36
C LEU A 223 11.33 -32.10 -15.17
N LEU A 224 10.31 -31.38 -14.68
CA LEU A 224 9.59 -31.79 -13.47
C LEU A 224 8.39 -32.66 -13.77
N GLY A 225 7.91 -32.61 -15.02
CA GLY A 225 6.76 -33.40 -15.46
C GLY A 225 5.48 -33.08 -14.72
N ASP A 226 4.80 -34.13 -14.27
CA ASP A 226 3.49 -34.03 -13.64
C ASP A 226 3.52 -33.31 -12.28
N ARG A 227 4.71 -33.03 -11.77
CA ARG A 227 4.87 -32.36 -10.48
C ARG A 227 4.34 -30.92 -10.49
N VAL A 228 4.24 -30.32 -11.69
CA VAL A 228 3.66 -28.97 -11.83
C VAL A 228 2.17 -29.03 -12.16
N LYS A 229 1.37 -28.41 -11.30
CA LYS A 229 -0.08 -28.46 -11.40
C LYS A 229 -0.60 -27.10 -11.76
N LEU A 230 -1.04 -27.00 -13.01
CA LEU A 230 -1.58 -25.77 -13.55
C LEU A 230 -3.02 -25.58 -13.12
N GLU A 231 -3.47 -24.33 -13.15
CA GLU A 231 -4.80 -23.94 -12.68
C GLU A 231 -5.11 -24.45 -11.26
N ARG A 232 -4.14 -24.30 -10.36
CA ARG A 232 -4.31 -24.56 -8.92
C ARG A 232 -3.93 -23.32 -8.11
N PRO A 233 -4.84 -22.33 -8.03
CA PRO A 233 -4.64 -21.18 -7.13
C PRO A 233 -4.74 -21.64 -5.68
N VAL A 234 -3.75 -21.29 -4.87
CA VAL A 234 -3.76 -21.61 -3.45
C VAL A 234 -4.62 -20.60 -2.71
N ILE A 235 -5.55 -21.12 -1.90
CA ILE A 235 -6.51 -20.31 -1.14
C ILE A 235 -6.35 -20.43 0.37
N TYR A 236 -5.56 -21.39 0.85
CA TYR A 236 -5.56 -21.72 2.28
C TYR A 236 -4.35 -22.58 2.67
N ILE A 237 -3.70 -22.18 3.77
CA ILE A 237 -2.55 -22.87 4.33
C ILE A 237 -2.75 -23.07 5.84
N ASP A 238 -2.68 -24.32 6.28
CA ASP A 238 -2.90 -24.72 7.66
C ASP A 238 -1.60 -25.33 8.20
N GLN A 239 -1.08 -24.72 9.26
CA GLN A 239 0.15 -25.19 9.89
C GLN A 239 -0.09 -25.70 11.32
N THR A 240 -1.34 -25.89 11.71
CA THR A 240 -1.65 -26.35 13.09
C THR A 240 -1.26 -27.79 13.40
N ARG A 241 -1.11 -28.62 12.38
CA ARG A 241 -0.85 -30.06 12.55
C ARG A 241 0.61 -30.40 12.18
N GLU A 242 0.99 -31.67 12.29
CA GLU A 242 2.38 -32.13 12.03
C GLU A 242 2.90 -31.88 10.60
N ASN A 243 2.06 -32.15 9.61
CA ASN A 243 2.33 -31.82 8.22
C ASN A 243 1.54 -30.56 7.82
N VAL A 244 2.14 -29.70 6.99
CA VAL A 244 1.44 -28.51 6.48
C VAL A 244 0.39 -28.94 5.45
N LEU A 245 -0.81 -28.40 5.56
CA LEU A 245 -1.87 -28.63 4.57
C LEU A 245 -2.01 -27.42 3.66
N VAL A 246 -1.97 -27.63 2.36
CA VAL A 246 -2.16 -26.53 1.41
C VAL A 246 -3.34 -26.84 0.49
N GLU A 247 -4.35 -25.97 0.54
CA GLU A 247 -5.55 -26.20 -0.25
C GLU A 247 -5.66 -25.25 -1.45
N THR A 248 -6.17 -25.78 -2.56
CA THR A 248 -6.37 -24.98 -3.78
C THR A 248 -7.85 -24.61 -4.04
N LEU A 249 -8.09 -23.77 -5.04
CA LEU A 249 -9.44 -23.26 -5.35
C LEU A 249 -10.42 -24.33 -5.90
N ASN A 250 -9.89 -25.32 -6.62
CA ASN A 250 -10.65 -26.52 -7.03
C ASN A 250 -10.72 -27.61 -5.95
N HIS A 251 -10.44 -27.23 -4.70
CA HIS A 251 -10.67 -28.07 -3.52
C HIS A 251 -9.68 -29.25 -3.34
N GLU A 252 -8.59 -29.26 -4.10
CA GLU A 252 -7.54 -30.27 -3.94
C GLU A 252 -6.75 -29.95 -2.67
N MET A 253 -6.24 -30.99 -2.03
CA MET A 253 -5.49 -30.84 -0.78
C MET A 253 -4.09 -31.37 -0.96
N TYR A 254 -3.09 -30.59 -0.57
CA TYR A 254 -1.69 -31.05 -0.59
C TYR A 254 -1.10 -31.00 0.80
N GLU A 255 -0.34 -32.04 1.13
CA GLU A 255 0.29 -32.18 2.42
C GLU A 255 1.80 -32.25 2.23
N ALA A 256 2.55 -31.45 2.99
CA ALA A 256 4.01 -31.36 2.81
C ALA A 256 4.73 -31.18 4.15
N LYS A 257 6.05 -31.35 4.18
CA LYS A 257 6.82 -30.95 5.37
C LYS A 257 7.02 -29.40 5.46
N TYR A 258 7.19 -28.76 4.30
CA TYR A 258 7.47 -27.31 4.24
C TYR A 258 6.80 -26.68 3.03
N VAL A 259 6.74 -25.35 3.04
CA VAL A 259 6.19 -24.58 1.92
C VAL A 259 7.12 -23.42 1.49
N ILE A 260 7.34 -23.29 0.19
CA ILE A 260 7.88 -22.06 -0.34
C ILE A 260 6.72 -21.26 -0.96
N SER A 261 6.57 -20.03 -0.50
CA SER A 261 5.71 -19.04 -1.11
C SER A 261 6.55 -18.26 -2.12
N ALA A 262 6.31 -18.48 -3.41
CA ALA A 262 7.10 -17.83 -4.47
C ALA A 262 6.25 -16.89 -5.33
N ILE A 263 5.32 -16.20 -4.66
CA ILE A 263 4.42 -15.22 -5.26
C ILE A 263 4.79 -13.79 -4.76
N PRO A 264 4.36 -12.74 -5.49
CA PRO A 264 4.59 -11.35 -5.02
C PRO A 264 4.08 -11.16 -3.58
N PRO A 265 4.81 -10.40 -2.74
CA PRO A 265 4.43 -10.36 -1.32
C PRO A 265 2.95 -9.99 -1.11
N THR A 266 2.42 -8.98 -1.80
CA THR A 266 1.02 -8.61 -1.55
C THR A 266 0.01 -9.71 -1.90
N LEU A 267 0.31 -10.57 -2.90
CA LEU A 267 -0.57 -11.67 -3.29
C LEU A 267 -0.70 -12.77 -2.24
N GLY A 268 0.16 -12.73 -1.24
CA GLY A 268 -0.06 -13.48 -0.02
C GLY A 268 -1.46 -13.21 0.58
N MET A 269 -2.03 -12.04 0.30
CA MET A 269 -3.39 -11.71 0.74
C MET A 269 -4.48 -12.67 0.25
N LYS A 270 -4.25 -13.30 -0.90
CA LYS A 270 -5.25 -14.19 -1.51
C LYS A 270 -5.34 -15.52 -0.81
N ILE A 271 -4.47 -15.73 0.17
CA ILE A 271 -4.41 -16.97 0.94
C ILE A 271 -4.91 -16.74 2.36
N HIS A 272 -5.70 -17.69 2.86
CA HIS A 272 -6.23 -17.62 4.20
C HIS A 272 -5.30 -18.49 5.04
N PHE A 273 -4.85 -17.97 6.19
CA PHE A 273 -3.86 -18.68 7.00
C PHE A 273 -4.40 -19.17 8.34
N ASN A 274 -3.98 -20.38 8.72
CA ASN A 274 -4.24 -20.98 10.04
C ASN A 274 -2.92 -21.56 10.52
N PRO A 275 -2.40 -21.07 11.66
CA PRO A 275 -2.96 -19.96 12.46
C PRO A 275 -2.82 -18.64 11.69
N PRO A 276 -3.40 -17.53 12.19
CA PRO A 276 -3.22 -16.26 11.47
C PRO A 276 -1.73 -15.91 11.38
N LEU A 277 -1.34 -15.20 10.32
CA LEU A 277 0.03 -14.67 10.21
C LEU A 277 0.35 -13.79 11.41
N PRO A 278 1.62 -13.76 11.86
CA PRO A 278 1.98 -12.77 12.89
C PRO A 278 1.70 -11.35 12.39
N MET A 279 1.62 -10.41 13.33
CA MET A 279 1.19 -9.04 13.05
C MET A 279 1.98 -8.29 11.98
N MET A 280 3.31 -8.39 12.04
CA MET A 280 4.13 -7.64 11.12
C MET A 280 3.90 -8.09 9.68
N ARG A 281 3.92 -9.41 9.45
CA ARG A 281 3.62 -9.91 8.12
C ARG A 281 2.16 -9.63 7.71
N ASN A 282 1.22 -9.83 8.63
CA ASN A 282 -0.19 -9.53 8.38
C ASN A 282 -0.43 -8.14 7.76
N GLN A 283 0.22 -7.13 8.33
CA GLN A 283 0.11 -5.75 7.87
C GLN A 283 1.02 -5.42 6.67
N MET A 284 2.20 -6.06 6.60
CA MET A 284 3.18 -5.79 5.52
C MET A 284 2.56 -6.06 4.14
N ILE A 285 1.84 -7.19 4.02
CA ILE A 285 1.27 -7.61 2.72
C ILE A 285 0.14 -6.75 2.20
N THR A 286 -0.29 -5.77 3.00
CA THR A 286 -1.28 -4.76 2.59
C THR A 286 -0.63 -3.45 2.23
N ARG A 287 0.70 -3.40 2.36
CA ARG A 287 1.45 -2.15 2.28
C ARG A 287 2.39 -2.07 1.09
N VAL A 288 2.34 -3.08 0.22
CA VAL A 288 3.39 -3.26 -0.78
C VAL A 288 2.83 -3.53 -2.20
N PRO A 289 2.41 -2.45 -2.88
CA PRO A 289 1.87 -2.54 -4.24
C PRO A 289 2.96 -2.76 -5.28
N LEU A 290 2.54 -3.19 -6.48
CA LEU A 290 3.42 -3.29 -7.66
C LEU A 290 3.13 -2.11 -8.62
N GLY A 291 4.09 -1.82 -9.50
CA GLY A 291 4.00 -0.66 -10.40
C GLY A 291 3.04 -0.88 -11.56
N SER A 292 2.90 0.13 -12.40
CA SER A 292 1.93 0.09 -13.49
C SER A 292 2.63 0.26 -14.83
N VAL A 293 2.36 -0.66 -15.76
CA VAL A 293 3.03 -0.60 -17.07
C VAL A 293 2.26 -1.36 -18.16
N ILE A 294 2.28 -0.81 -19.37
CA ILE A 294 1.82 -1.52 -20.58
C ILE A 294 3.06 -1.70 -21.47
N LYS A 295 3.38 -2.94 -21.81
CA LYS A 295 4.50 -3.18 -22.72
C LYS A 295 3.96 -3.24 -24.13
N CYS A 296 4.53 -2.44 -25.03
CA CYS A 296 4.01 -2.31 -26.39
C CYS A 296 5.05 -2.56 -27.50
N ILE A 297 4.72 -3.42 -28.46
CA ILE A 297 5.67 -3.66 -29.56
C ILE A 297 5.00 -3.36 -30.91
N VAL A 298 5.56 -2.40 -31.63
CA VAL A 298 5.07 -2.02 -32.96
C VAL A 298 6.03 -2.61 -34.01
N TYR A 299 5.46 -3.32 -34.99
CA TYR A 299 6.21 -4.03 -36.02
C TYR A 299 6.25 -3.25 -37.32
N TYR A 300 7.40 -3.26 -37.99
CA TYR A 300 7.57 -2.60 -39.28
C TYR A 300 8.16 -3.53 -40.31
N LYS A 301 8.00 -3.19 -41.59
CA LYS A 301 8.59 -3.95 -42.71
C LYS A 301 10.10 -4.07 -42.57
N GLU A 302 10.74 -2.98 -42.14
CA GLU A 302 12.18 -2.96 -41.93
C GLU A 302 12.60 -2.06 -40.78
N PRO A 303 13.80 -2.31 -40.22
CA PRO A 303 14.29 -1.48 -39.13
C PRO A 303 14.82 -0.19 -39.70
N PHE A 304 13.90 0.61 -40.24
CA PHE A 304 14.19 1.78 -41.05
C PHE A 304 14.99 2.85 -40.29
N TRP A 305 14.82 2.90 -38.96
CA TRP A 305 15.57 3.84 -38.11
C TRP A 305 17.08 3.66 -38.27
N ARG A 306 17.54 2.41 -38.43
CA ARG A 306 18.98 2.11 -38.60
C ARG A 306 19.59 2.87 -39.80
N LYS A 307 18.80 2.99 -40.87
CA LYS A 307 19.27 3.66 -42.09
C LYS A 307 19.47 5.17 -41.88
N LYS A 308 18.74 5.74 -40.91
CA LYS A 308 18.90 7.13 -40.45
C LYS A 308 19.96 7.26 -39.34
N ASP A 309 20.64 6.14 -39.09
CA ASP A 309 21.70 6.04 -38.09
C ASP A 309 21.17 6.25 -36.67
N TYR A 310 20.01 5.65 -36.42
CA TYR A 310 19.43 5.57 -35.11
C TYR A 310 19.32 4.09 -34.73
N CYS A 311 19.77 3.70 -33.54
CA CYS A 311 19.64 2.29 -33.12
C CYS A 311 18.22 1.84 -32.77
N GLY A 312 17.36 2.78 -32.36
CA GLY A 312 15.98 2.46 -31.97
C GLY A 312 15.74 2.80 -30.50
N THR A 313 16.83 3.11 -29.80
CA THR A 313 16.74 3.56 -28.41
C THR A 313 16.33 5.03 -28.37
N MET A 314 15.21 5.29 -27.71
CA MET A 314 14.71 6.65 -27.52
C MET A 314 14.43 6.88 -26.05
N ILE A 315 14.82 8.06 -25.56
CA ILE A 315 14.51 8.54 -24.23
C ILE A 315 13.63 9.75 -24.40
N ILE A 316 12.35 9.61 -24.07
CA ILE A 316 11.39 10.63 -24.48
C ILE A 316 10.76 11.33 -23.31
N ASP A 317 11.02 12.63 -23.20
CA ASP A 317 10.46 13.45 -22.12
C ASP A 317 9.19 14.21 -22.54
N GLY A 318 8.31 14.42 -21.58
CA GLY A 318 7.13 15.23 -21.80
C GLY A 318 5.86 14.47 -21.49
N GLU A 319 4.91 15.16 -20.87
CA GLU A 319 3.61 14.61 -20.49
C GLU A 319 2.81 13.98 -21.66
N GLU A 320 2.95 14.55 -22.86
CA GLU A 320 2.18 14.16 -24.05
C GLU A 320 2.63 12.82 -24.66
N ALA A 321 3.91 12.50 -24.52
CA ALA A 321 4.46 11.23 -24.94
C ALA A 321 3.83 10.03 -24.21
N PRO A 322 3.06 9.20 -24.94
CA PRO A 322 2.59 7.98 -24.27
C PRO A 322 3.71 7.10 -23.73
N VAL A 323 4.83 7.02 -24.45
CA VAL A 323 5.94 6.13 -24.11
C VAL A 323 7.17 6.94 -23.72
N ALA A 324 7.82 6.61 -22.60
CA ALA A 324 9.04 7.37 -22.22
C ALA A 324 10.38 6.73 -22.60
N ALA A 325 10.38 5.45 -22.96
CA ALA A 325 11.62 4.79 -23.43
C ALA A 325 11.34 3.65 -24.41
N THR A 326 12.18 3.54 -25.43
CA THR A 326 12.07 2.46 -26.41
C THR A 326 13.41 1.76 -26.59
N LEU A 327 13.36 0.49 -27.01
CA LEU A 327 14.53 -0.23 -27.52
C LEU A 327 14.16 -0.93 -28.83
N ASP A 328 15.16 -1.14 -29.68
CA ASP A 328 15.00 -1.95 -30.89
C ASP A 328 14.68 -3.38 -30.47
N ASP A 329 13.59 -3.94 -30.99
CA ASP A 329 13.21 -5.31 -30.68
C ASP A 329 13.26 -6.21 -31.94
N THR A 330 13.96 -5.74 -32.97
CA THR A 330 14.26 -6.57 -34.15
C THR A 330 14.94 -7.89 -33.74
N LYS A 331 14.52 -8.97 -34.38
CA LYS A 331 15.13 -10.30 -34.20
C LYS A 331 16.63 -10.24 -34.54
N PRO A 332 17.45 -11.11 -33.90
CA PRO A 332 18.92 -11.07 -34.18
C PRO A 332 19.27 -11.32 -35.65
N GLU A 333 18.38 -11.97 -36.39
CA GLU A 333 18.65 -12.29 -37.79
C GLU A 333 18.36 -11.07 -38.66
N GLY A 334 17.69 -10.06 -38.09
CA GLY A 334 17.46 -8.80 -38.79
C GLY A 334 16.04 -8.66 -39.33
N ASN A 335 15.23 -9.68 -39.12
CA ASN A 335 13.84 -9.62 -39.54
C ASN A 335 12.87 -9.34 -38.38
N TYR A 336 11.57 -9.29 -38.68
CA TYR A 336 10.51 -8.88 -37.75
C TYR A 336 10.91 -7.54 -37.07
N ALA A 337 11.30 -6.56 -37.88
CA ALA A 337 11.55 -5.21 -37.39
C ALA A 337 10.48 -4.76 -36.41
N ALA A 338 10.90 -4.34 -35.23
CA ALA A 338 9.98 -3.89 -34.16
C ALA A 338 10.62 -2.86 -33.24
N ILE A 339 9.79 -1.95 -32.73
CA ILE A 339 10.15 -1.05 -31.64
C ILE A 339 9.36 -1.44 -30.38
N MET A 340 10.08 -1.74 -29.29
CA MET A 340 9.47 -1.97 -27.97
C MET A 340 9.43 -0.67 -27.18
N GLY A 341 8.30 -0.38 -26.55
CA GLY A 341 8.16 0.76 -25.65
C GLY A 341 7.24 0.48 -24.47
N PHE A 342 7.50 1.18 -23.36
CA PHE A 342 6.73 1.03 -22.12
C PHE A 342 5.85 2.26 -21.90
N ILE A 343 4.58 2.04 -21.60
CA ILE A 343 3.70 3.11 -21.11
C ILE A 343 3.70 3.00 -19.58
N LEU A 344 4.15 4.07 -18.89
CA LEU A 344 4.57 3.96 -17.47
C LEU A 344 3.71 4.69 -16.42
N ALA A 345 3.54 4.04 -15.27
CA ALA A 345 2.94 4.63 -14.06
C ALA A 345 1.60 5.30 -14.39
N HIS A 346 1.43 6.62 -14.17
CA HIS A 346 0.09 7.26 -14.40
C HIS A 346 -0.37 7.20 -15.85
N LYS A 347 0.56 7.10 -16.80
CA LYS A 347 0.12 6.98 -18.19
C LYS A 347 -0.46 5.61 -18.52
N ALA A 348 -0.02 4.56 -17.82
CA ALA A 348 -0.59 3.23 -18.00
C ALA A 348 -2.07 3.27 -17.63
N ARG A 349 -2.37 3.82 -16.44
CA ARG A 349 -3.75 4.09 -15.97
C ARG A 349 -4.53 4.93 -16.98
N LYS A 350 -3.99 6.09 -17.34
CA LYS A 350 -4.68 7.01 -18.24
C LYS A 350 -4.97 6.38 -19.63
N LEU A 351 -3.95 5.81 -20.26
CA LEU A 351 -4.10 5.31 -21.64
C LEU A 351 -4.83 3.95 -21.76
N ALA A 352 -5.00 3.25 -20.64
CA ALA A 352 -5.70 1.98 -20.65
C ALA A 352 -7.15 2.10 -21.16
N ARG A 353 -7.68 3.32 -21.17
CA ARG A 353 -9.08 3.60 -21.50
C ARG A 353 -9.32 3.59 -23.01
N LEU A 354 -8.24 3.70 -23.79
CA LEU A 354 -8.31 3.73 -25.22
C LEU A 354 -8.37 2.32 -25.76
N THR A 355 -8.74 2.16 -27.02
CA THR A 355 -8.61 0.84 -27.64
C THR A 355 -7.15 0.54 -28.03
N LYS A 356 -6.86 -0.73 -28.25
CA LYS A 356 -5.59 -1.18 -28.80
C LYS A 356 -5.20 -0.38 -30.07
N GLU A 357 -6.16 -0.20 -30.97
CA GLU A 357 -5.96 0.53 -32.22
C GLU A 357 -5.64 2.00 -31.97
N GLU A 358 -6.29 2.58 -30.95
CA GLU A 358 -5.99 3.96 -30.56
C GLU A 358 -4.61 4.11 -29.90
N ARG A 359 -4.20 3.15 -29.07
CA ARG A 359 -2.84 3.17 -28.51
C ARG A 359 -1.77 3.05 -29.62
N LEU A 360 -1.97 2.11 -30.56
CA LEU A 360 -1.05 1.93 -31.68
C LEU A 360 -0.85 3.24 -32.46
N LYS A 361 -1.95 3.95 -32.71
CA LYS A 361 -1.92 5.18 -33.45
C LYS A 361 -1.11 6.26 -32.72
N LYS A 362 -1.31 6.37 -31.41
CA LYS A 362 -0.55 7.35 -30.60
C LYS A 362 0.94 7.03 -30.59
N LEU A 363 1.28 5.74 -30.55
CA LEU A 363 2.68 5.35 -30.53
C LEU A 363 3.39 5.69 -31.85
N CYS A 364 2.74 5.38 -32.97
CA CYS A 364 3.33 5.65 -34.29
C CYS A 364 3.54 7.12 -34.53
N GLU A 365 2.56 7.93 -34.17
CA GLU A 365 2.67 9.37 -34.36
C GLU A 365 3.82 9.94 -33.55
N LEU A 366 4.01 9.39 -32.36
CA LEU A 366 5.13 9.78 -31.51
C LEU A 366 6.46 9.33 -32.14
N TYR A 367 6.53 8.05 -32.53
CA TYR A 367 7.79 7.54 -33.12
C TYR A 367 8.14 8.31 -34.39
N ALA A 368 7.13 8.59 -35.21
CA ALA A 368 7.31 9.40 -36.41
C ALA A 368 7.90 10.78 -36.12
N LYS A 369 7.44 11.43 -35.04
CA LYS A 369 8.00 12.74 -34.66
C LYS A 369 9.43 12.61 -34.11
N VAL A 370 9.65 11.65 -33.22
CA VAL A 370 10.97 11.49 -32.59
C VAL A 370 12.08 11.08 -33.57
N LEU A 371 11.77 10.15 -34.46
CA LEU A 371 12.71 9.63 -35.46
C LEU A 371 12.77 10.48 -36.74
N GLY A 372 12.01 11.58 -36.77
CA GLY A 372 11.82 12.38 -37.99
C GLY A 372 11.49 11.57 -39.24
N SER A 373 10.60 10.57 -39.10
CA SER A 373 10.37 9.55 -40.16
C SER A 373 8.91 9.21 -40.40
N LEU A 374 8.38 9.60 -41.56
CA LEU A 374 7.02 9.22 -41.94
C LEU A 374 6.78 7.69 -41.99
N GLU A 375 7.83 6.91 -42.31
CA GLU A 375 7.74 5.45 -42.33
C GLU A 375 7.21 4.86 -41.01
N ALA A 376 7.43 5.57 -39.91
CA ALA A 376 6.93 5.14 -38.60
C ALA A 376 5.42 5.10 -38.56
N LEU A 377 4.77 5.78 -39.51
CA LEU A 377 3.30 5.77 -39.59
C LEU A 377 2.78 4.54 -40.35
N GLU A 378 3.68 3.64 -40.74
CA GLU A 378 3.30 2.43 -41.50
C GLU A 378 3.54 1.09 -40.79
N PRO A 379 2.92 0.87 -39.63
CA PRO A 379 3.18 -0.38 -38.92
C PRO A 379 2.54 -1.57 -39.63
N VAL A 380 3.11 -2.77 -39.44
CA VAL A 380 2.60 -4.02 -40.06
C VAL A 380 1.90 -4.92 -39.06
N HIS A 381 2.16 -4.72 -37.78
CA HIS A 381 1.58 -5.53 -36.71
C HIS A 381 1.83 -4.82 -35.37
N TYR A 382 1.09 -5.24 -34.35
CA TYR A 382 1.17 -4.64 -33.02
C TYR A 382 0.86 -5.70 -32.00
N GLU A 383 1.62 -5.71 -30.91
CA GLU A 383 1.26 -6.52 -29.74
C GLU A 383 1.50 -5.66 -28.51
N GLU A 384 0.74 -5.92 -27.45
CA GLU A 384 0.82 -5.19 -26.19
C GLU A 384 0.34 -6.08 -25.02
N LYS A 385 0.80 -5.80 -23.80
CA LYS A 385 0.21 -6.37 -22.59
C LYS A 385 0.20 -5.36 -21.45
N ASN A 386 -1.00 -5.13 -20.90
CA ASN A 386 -1.19 -4.32 -19.69
C ASN A 386 -1.13 -5.23 -18.47
N TRP A 387 -0.02 -5.15 -17.73
CA TRP A 387 0.16 -5.98 -16.54
C TRP A 387 -0.71 -5.60 -15.31
N CYS A 388 -1.26 -4.39 -15.31
CA CYS A 388 -2.13 -3.88 -14.25
C CYS A 388 -3.42 -4.68 -14.09
N GLU A 389 -3.79 -5.41 -15.13
CA GLU A 389 -5.04 -6.15 -15.12
C GLU A 389 -4.87 -7.61 -14.67
N GLU A 390 -3.65 -7.99 -14.31
CA GLU A 390 -3.35 -9.36 -13.87
C GLU A 390 -3.64 -9.65 -12.38
N GLN A 391 -4.74 -10.38 -12.14
CA GLN A 391 -5.09 -10.87 -10.80
C GLN A 391 -3.90 -11.59 -10.15
N TYR A 392 -3.13 -12.36 -10.93
CA TYR A 392 -2.05 -13.16 -10.34
C TYR A 392 -0.65 -12.59 -10.47
N SER A 393 -0.58 -11.31 -10.84
CA SER A 393 0.70 -10.58 -10.79
C SER A 393 0.56 -9.34 -9.90
N GLY A 394 -0.51 -8.57 -10.11
CA GLY A 394 -0.79 -7.33 -9.35
C GLY A 394 -0.27 -6.07 -10.02
N GLY A 395 0.63 -6.26 -11.01
CA GLY A 395 1.28 -5.18 -11.75
C GLY A 395 2.64 -5.68 -12.24
N CYS A 396 3.53 -4.76 -12.65
CA CYS A 396 4.91 -5.04 -13.07
C CYS A 396 5.73 -3.72 -13.04
N TYR A 397 7.08 -3.75 -12.98
CA TYR A 397 7.91 -4.98 -12.98
C TYR A 397 7.83 -5.68 -11.66
N THR A 398 7.74 -4.88 -10.59
CA THR A 398 7.95 -5.40 -9.26
C THR A 398 7.27 -4.55 -8.20
N THR A 399 7.52 -4.90 -6.95
CA THR A 399 6.89 -4.29 -5.79
C THR A 399 7.66 -3.04 -5.40
N TYR A 400 6.95 -1.92 -5.25
CA TYR A 400 7.59 -0.73 -4.66
C TYR A 400 7.12 -0.51 -3.19
N PHE A 401 7.93 0.23 -2.43
CA PHE A 401 7.62 0.55 -1.05
C PHE A 401 7.34 2.06 -0.93
N PRO A 402 6.11 2.41 -0.51
CA PRO A 402 5.78 3.81 -0.24
C PRO A 402 6.51 4.31 1.00
N PRO A 403 6.54 5.63 1.22
CA PRO A 403 7.36 6.13 2.35
C PRO A 403 6.96 5.53 3.67
N GLY A 404 7.98 5.13 4.42
CA GLY A 404 7.81 4.69 5.80
C GLY A 404 7.66 3.20 5.99
N ILE A 405 7.51 2.48 4.89
CA ILE A 405 7.19 1.06 4.97
C ILE A 405 8.41 0.16 5.15
N LEU A 406 9.48 0.43 4.41
CA LEU A 406 10.66 -0.44 4.42
C LEU A 406 11.39 -0.50 5.78
N THR A 407 11.49 0.63 6.47
CA THR A 407 12.04 0.60 7.86
C THR A 407 11.15 -0.07 8.89
N GLN A 408 9.83 0.03 8.75
CA GLN A 408 8.92 -0.59 9.74
C GLN A 408 8.66 -2.07 9.48
N TYR A 409 8.62 -2.47 8.22
CA TYR A 409 8.17 -3.82 7.86
C TYR A 409 9.15 -4.59 7.01
N GLY A 410 10.16 -3.90 6.49
CA GLY A 410 11.14 -4.52 5.59
C GLY A 410 11.85 -5.73 6.15
N ARG A 411 12.04 -5.79 7.46
CA ARG A 411 12.75 -6.97 8.01
C ARG A 411 11.98 -8.30 7.95
N VAL A 412 10.66 -8.28 7.72
CA VAL A 412 9.92 -9.54 7.66
C VAL A 412 9.70 -10.13 6.26
N LEU A 413 10.07 -9.39 5.22
CA LEU A 413 9.92 -9.86 3.82
C LEU A 413 10.26 -11.34 3.62
N ARG A 414 11.45 -11.74 4.07
CA ARG A 414 11.92 -13.12 3.89
C ARG A 414 12.10 -13.91 5.21
N GLN A 415 11.61 -13.35 6.31
CA GLN A 415 11.53 -14.07 7.57
C GLN A 415 10.55 -15.26 7.45
N PRO A 416 11.00 -16.48 7.80
CA PRO A 416 10.11 -17.65 7.76
C PRO A 416 8.93 -17.55 8.72
N VAL A 417 7.78 -18.10 8.33
CA VAL A 417 6.63 -18.21 9.21
C VAL A 417 6.39 -19.69 9.50
N ASP A 418 6.92 -20.13 10.65
CA ASP A 418 6.94 -21.54 11.06
C ASP A 418 7.62 -22.41 9.99
N ARG A 419 6.84 -23.03 9.12
CA ARG A 419 7.39 -23.87 8.06
C ARG A 419 7.19 -23.30 6.63
N ILE A 420 6.75 -22.03 6.57
CA ILE A 420 6.65 -21.31 5.28
C ILE A 420 7.88 -20.45 5.09
N TYR A 421 8.52 -20.61 3.93
CA TYR A 421 9.74 -19.90 3.59
C TYR A 421 9.44 -19.03 2.35
N PHE A 422 10.15 -17.92 2.19
CA PHE A 422 9.80 -16.96 1.16
C PHE A 422 10.80 -16.77 0.03
N ALA A 423 10.34 -17.04 -1.19
CA ALA A 423 11.13 -16.84 -2.40
C ALA A 423 10.53 -15.63 -3.11
N GLY A 424 10.63 -15.57 -4.43
CA GLY A 424 10.07 -14.46 -5.23
C GLY A 424 11.11 -13.37 -5.35
N THR A 425 11.22 -12.75 -6.52
CA THR A 425 12.27 -11.75 -6.74
C THR A 425 12.34 -10.60 -5.69
N GLU A 426 11.18 -10.25 -5.12
CA GLU A 426 11.13 -9.19 -4.09
C GLU A 426 12.02 -9.42 -2.84
N THR A 427 12.42 -10.68 -2.65
CA THR A 427 13.19 -11.11 -1.47
C THR A 427 14.71 -11.23 -1.75
N ALA A 428 15.10 -11.07 -3.01
CA ALA A 428 16.52 -11.08 -3.43
C ALA A 428 17.32 -9.90 -2.87
N THR A 429 18.64 -10.04 -2.92
CA THR A 429 19.55 -9.01 -2.46
C THR A 429 20.39 -8.45 -3.61
N HIS A 430 20.25 -9.02 -4.81
CA HIS A 430 21.04 -8.57 -5.99
C HIS A 430 20.14 -8.72 -7.22
N TRP A 431 19.77 -7.59 -7.83
CA TRP A 431 18.74 -7.53 -8.89
C TRP A 431 17.37 -8.03 -8.43
N SER A 432 17.02 -7.67 -7.22
CA SER A 432 15.65 -7.80 -6.79
C SER A 432 14.81 -7.01 -7.78
N GLY A 433 13.66 -7.57 -8.17
CA GLY A 433 12.76 -6.96 -9.17
C GLY A 433 12.87 -7.60 -10.56
N TYR A 434 13.94 -8.36 -10.76
CA TYR A 434 14.34 -8.93 -12.06
C TYR A 434 14.29 -10.46 -12.07
N MET A 435 14.43 -11.04 -13.26
CA MET A 435 14.59 -12.49 -13.40
C MET A 435 15.80 -13.03 -12.62
N GLU A 436 16.91 -12.27 -12.60
CA GLU A 436 18.06 -12.61 -11.76
C GLU A 436 17.72 -12.81 -10.28
N GLY A 437 16.95 -11.87 -9.72
CA GLY A 437 16.54 -11.94 -8.32
C GLY A 437 15.58 -13.07 -8.03
N ALA A 438 14.75 -13.41 -9.00
CA ALA A 438 13.85 -14.54 -8.86
C ALA A 438 14.65 -15.84 -8.65
N VAL A 439 15.73 -16.02 -9.41
CA VAL A 439 16.59 -17.20 -9.27
C VAL A 439 17.34 -17.21 -7.93
N GLU A 440 17.92 -16.07 -7.54
CA GLU A 440 18.60 -15.95 -6.24
C GLU A 440 17.65 -16.31 -5.08
N ALA A 441 16.46 -15.69 -5.06
CA ALA A 441 15.50 -15.92 -3.97
C ALA A 441 14.94 -17.34 -3.99
N GLY A 442 14.70 -17.87 -5.20
CA GLY A 442 14.21 -19.24 -5.32
C GLY A 442 15.17 -20.25 -4.72
N GLU A 443 16.42 -20.17 -5.16
CA GLU A 443 17.45 -21.11 -4.71
C GLU A 443 17.84 -20.90 -3.23
N ARG A 444 17.83 -19.65 -2.77
CA ARG A 444 18.05 -19.38 -1.33
C ARG A 444 16.93 -19.99 -0.45
N ALA A 445 15.67 -19.77 -0.81
CA ALA A 445 14.54 -20.34 -0.06
C ALA A 445 14.59 -21.88 -0.03
N ALA A 446 14.97 -22.46 -1.16
CA ALA A 446 15.16 -23.90 -1.27
C ALA A 446 16.25 -24.38 -0.30
N ARG A 447 17.37 -23.66 -0.24
CA ARG A 447 18.46 -24.02 0.66
C ARG A 447 18.17 -23.78 2.14
N GLU A 448 17.39 -22.77 2.46
CA GLU A 448 16.85 -22.64 3.81
C GLU A 448 16.14 -23.92 4.29
N ILE A 449 15.34 -24.53 3.42
CA ILE A 449 14.66 -25.78 3.75
C ILE A 449 15.66 -26.95 3.87
N LEU A 450 16.57 -27.10 2.91
CA LEU A 450 17.65 -28.09 3.03
C LEU A 450 18.41 -27.97 4.36
N HIS A 451 18.60 -26.75 4.85
CA HIS A 451 19.26 -26.57 6.14
C HIS A 451 18.37 -27.03 7.30
N ALA A 452 17.07 -26.72 7.23
CA ALA A 452 16.12 -27.08 8.28
C ALA A 452 15.97 -28.60 8.38
N MET A 453 16.20 -29.30 7.27
CA MET A 453 16.09 -30.75 7.26
C MET A 453 17.38 -31.47 7.64
N GLY A 454 18.42 -30.68 7.91
CA GLY A 454 19.72 -31.19 8.34
C GLY A 454 20.57 -31.72 7.20
N LYS A 455 20.22 -31.33 5.97
CA LYS A 455 20.90 -31.79 4.76
C LYS A 455 22.14 -30.96 4.36
N ILE A 456 22.14 -29.67 4.69
CA ILE A 456 23.31 -28.82 4.42
C ILE A 456 23.63 -27.97 5.63
N PRO A 457 24.91 -27.54 5.80
CA PRO A 457 25.22 -26.60 6.89
C PRO A 457 24.67 -25.18 6.64
N GLU A 458 24.58 -24.40 7.71
CA GLU A 458 24.05 -23.04 7.70
C GLU A 458 24.77 -22.13 6.70
N ASP A 459 26.10 -22.26 6.64
CA ASP A 459 26.90 -21.40 5.79
C ASP A 459 26.67 -21.63 4.29
N GLU A 460 25.73 -22.53 3.96
CA GLU A 460 25.47 -22.88 2.56
C GLU A 460 24.10 -22.43 2.05
N ILE A 461 23.34 -21.78 2.93
CA ILE A 461 22.03 -21.22 2.57
C ILE A 461 22.20 -20.13 1.49
N TRP A 462 23.13 -19.19 1.73
CA TRP A 462 23.51 -18.18 0.76
C TRP A 462 24.76 -18.62 -0.02
N GLN A 463 24.65 -18.65 -1.34
CA GLN A 463 25.73 -19.16 -2.18
C GLN A 463 26.12 -18.15 -3.26
N SER A 464 27.41 -17.82 -3.32
CA SER A 464 27.94 -16.92 -4.35
C SER A 464 27.94 -17.61 -5.72
N GLU A 465 27.90 -16.83 -6.80
CA GLU A 465 27.81 -17.35 -8.18
C GLU A 465 29.06 -17.01 -9.01
N PRO A 466 29.64 -18.02 -9.69
CA PRO A 466 30.74 -17.71 -10.62
C PRO A 466 30.23 -16.81 -11.76
N GLU A 467 31.07 -15.87 -12.16
CA GLU A 467 30.74 -14.95 -13.25
C GLU A 467 30.59 -15.67 -14.57
N SER A 468 29.56 -15.31 -15.35
CA SER A 468 29.38 -15.86 -16.70
C SER A 468 30.65 -15.63 -17.53
N VAL A 469 31.01 -16.60 -18.37
CA VAL A 469 32.12 -16.41 -19.32
C VAL A 469 31.59 -15.93 -20.67
N ASP A 470 30.29 -16.13 -20.88
CA ASP A 470 29.63 -15.65 -22.10
C ASP A 470 29.25 -14.17 -22.01
N VAL A 471 29.03 -13.68 -20.80
CA VAL A 471 28.57 -12.31 -20.59
C VAL A 471 29.40 -11.61 -19.48
N PRO A 472 30.65 -11.26 -19.81
CA PRO A 472 31.59 -10.69 -18.84
C PRO A 472 31.15 -9.28 -18.38
N ALA A 473 31.41 -8.94 -17.13
CA ALA A 473 31.11 -7.57 -16.66
C ALA A 473 32.35 -6.64 -16.70
N GLN A 474 32.25 -5.56 -17.47
CA GLN A 474 33.22 -4.49 -17.39
C GLN A 474 32.89 -3.72 -16.10
N PRO A 475 33.92 -3.27 -15.38
CA PRO A 475 33.67 -2.54 -14.15
C PRO A 475 33.01 -1.18 -14.43
N ILE A 476 32.35 -0.61 -13.42
CA ILE A 476 31.83 0.74 -13.55
C ILE A 476 32.89 1.72 -13.05
N THR A 477 33.31 2.62 -13.94
CA THR A 477 34.39 3.55 -13.61
C THR A 477 33.95 5.01 -13.69
N THR A 478 34.60 5.86 -12.90
CA THR A 478 34.42 7.32 -12.97
C THR A 478 35.74 8.03 -13.32
N THR A 479 35.65 9.16 -14.02
CA THR A 479 36.82 10.03 -14.24
C THR A 479 37.08 10.87 -12.99
N PHE A 480 38.22 11.55 -12.95
CA PHE A 480 38.64 12.39 -11.82
C PHE A 480 37.74 13.62 -11.66
N LEU A 481 37.40 14.23 -12.79
CA LEU A 481 36.47 15.35 -12.84
C LEU A 481 35.07 14.94 -12.34
N GLU A 482 34.63 13.76 -12.76
CA GLU A 482 33.37 13.19 -12.27
C GLU A 482 33.35 13.07 -10.75
N ARG A 483 34.44 12.58 -10.17
CA ARG A 483 34.57 12.45 -8.71
C ARG A 483 34.57 13.78 -7.94
N HIS A 484 35.29 14.79 -8.46
CA HIS A 484 35.62 15.96 -7.65
C HIS A 484 35.02 17.32 -8.09
N LEU A 485 34.27 17.33 -9.20
CA LEU A 485 33.58 18.56 -9.58
C LEU A 485 32.53 18.93 -8.54
N PRO A 486 32.34 20.24 -8.29
CA PRO A 486 31.38 20.60 -7.26
C PRO A 486 29.94 20.45 -7.68
N SER A 487 29.07 20.36 -6.68
CA SER A 487 27.66 20.50 -6.90
C SER A 487 27.37 21.98 -7.21
N VAL A 488 26.12 22.30 -7.56
CA VAL A 488 25.73 23.68 -7.75
C VAL A 488 25.90 24.51 -6.46
N PRO A 489 25.32 24.05 -5.31
CA PRO A 489 25.59 24.82 -4.07
C PRO A 489 27.05 24.81 -3.63
N GLY A 490 27.77 23.74 -3.87
CA GLY A 490 29.21 23.66 -3.61
C GLY A 490 29.96 24.74 -4.37
N LEU A 491 29.60 24.93 -5.65
CA LEU A 491 30.16 26.01 -6.47
C LEU A 491 29.77 27.38 -5.94
N LEU A 492 28.57 27.48 -5.38
CA LEU A 492 28.07 28.76 -4.81
C LEU A 492 28.80 29.13 -3.53
N ARG A 493 29.15 28.11 -2.73
CA ARG A 493 29.96 28.30 -1.53
C ARG A 493 31.35 28.81 -1.91
N LEU A 494 32.00 28.14 -2.86
CA LEU A 494 33.27 28.58 -3.43
C LEU A 494 33.28 30.04 -3.90
N ILE A 495 32.14 30.51 -4.41
CA ILE A 495 32.01 31.88 -4.87
C ILE A 495 31.94 32.87 -3.69
N GLY A 496 31.10 32.57 -2.71
CA GLY A 496 30.96 33.38 -1.51
C GLY A 496 32.24 33.45 -0.68
N LEU A 497 32.99 32.35 -0.65
CA LEU A 497 34.27 32.26 0.07
C LEU A 497 35.36 33.14 -0.55
N THR A 498 35.42 33.15 -1.88
CA THR A 498 36.35 33.99 -2.65
C THR A 498 36.01 35.48 -2.51
N THR A 499 34.78 35.78 -2.09
CA THR A 499 34.40 37.15 -1.70
C THR A 499 34.84 37.43 -0.23
N ILE A 500 36.05 37.98 -0.13
CA ILE A 500 36.81 38.06 1.11
C ILE A 500 37.04 39.51 1.55
N ASN B 2 -28.07 -22.10 0.18
CA ASN B 2 -27.77 -22.04 -1.29
C ASN B 2 -28.31 -20.77 -1.99
N LYS B 3 -29.62 -20.50 -1.93
CA LYS B 3 -30.21 -19.49 -2.82
C LYS B 3 -30.92 -18.34 -2.11
N CYS B 4 -30.77 -17.13 -2.65
CA CYS B 4 -31.30 -15.91 -2.04
C CYS B 4 -31.22 -14.76 -3.04
N ASP B 5 -31.72 -13.58 -2.65
CA ASP B 5 -31.64 -12.37 -3.49
C ASP B 5 -30.28 -11.64 -3.41
N VAL B 6 -29.77 -11.46 -2.18
CA VAL B 6 -28.54 -10.68 -1.97
C VAL B 6 -27.61 -11.34 -0.98
N VAL B 7 -26.38 -11.61 -1.40
CA VAL B 7 -25.35 -12.05 -0.46
C VAL B 7 -24.57 -10.82 0.03
N VAL B 8 -24.50 -10.65 1.35
CA VAL B 8 -23.66 -9.61 1.97
C VAL B 8 -22.41 -10.28 2.55
N VAL B 9 -21.24 -9.87 2.05
CA VAL B 9 -19.97 -10.37 2.54
C VAL B 9 -19.50 -9.47 3.69
N GLY B 10 -19.39 -10.02 4.89
CA GLY B 10 -19.00 -9.25 6.06
C GLY B 10 -20.13 -8.86 6.98
N GLY B 11 -20.01 -9.24 8.25
CA GLY B 11 -21.02 -8.96 9.25
C GLY B 11 -20.59 -7.92 10.29
N GLY B 12 -19.91 -6.87 9.84
CA GLY B 12 -19.63 -5.71 10.66
C GLY B 12 -20.85 -4.85 10.65
N ILE B 13 -20.78 -3.69 11.28
CA ILE B 13 -21.87 -2.71 11.23
C ILE B 13 -22.35 -2.40 9.81
N SER B 14 -21.43 -2.21 8.88
CA SER B 14 -21.87 -1.85 7.52
C SER B 14 -22.69 -2.96 6.85
N GLY B 15 -22.19 -4.20 6.92
CA GLY B 15 -22.88 -5.37 6.39
C GLY B 15 -24.22 -5.65 7.07
N MET B 16 -24.23 -5.60 8.40
CA MET B 16 -25.46 -5.74 9.19
C MET B 16 -26.51 -4.70 8.83
N ALA B 17 -26.12 -3.43 8.72
CA ALA B 17 -27.06 -2.35 8.35
C ALA B 17 -27.64 -2.59 6.95
N ALA B 18 -26.76 -2.98 6.01
CA ALA B 18 -27.21 -3.31 4.65
C ALA B 18 -28.20 -4.46 4.71
N ALA B 19 -27.81 -5.58 5.36
CA ALA B 19 -28.68 -6.77 5.44
C ALA B 19 -30.01 -6.47 6.14
N LYS B 20 -30.01 -5.69 7.21
CA LYS B 20 -31.26 -5.30 7.85
C LYS B 20 -32.17 -4.48 6.93
N LEU B 21 -31.61 -3.48 6.24
CA LEU B 21 -32.42 -2.66 5.34
C LEU B 21 -33.07 -3.54 4.25
N LEU B 22 -32.32 -4.49 3.68
CA LEU B 22 -32.84 -5.27 2.57
C LEU B 22 -33.93 -6.23 3.04
N HIS B 23 -33.73 -6.80 4.23
CA HIS B 23 -34.65 -7.72 4.88
C HIS B 23 -35.97 -7.06 5.24
N ASP B 24 -35.89 -5.81 5.68
CA ASP B 24 -37.06 -4.98 5.96
C ASP B 24 -37.85 -4.64 4.69
N SER B 25 -37.14 -4.67 3.54
CA SER B 25 -37.78 -4.49 2.22
C SER B 25 -38.52 -5.72 1.72
N GLY B 26 -38.29 -6.88 2.36
CA GLY B 26 -38.86 -8.14 1.92
C GLY B 26 -37.96 -9.04 1.07
N LEU B 27 -36.67 -8.69 0.96
CA LEU B 27 -35.77 -9.52 0.17
C LEU B 27 -35.16 -10.63 1.01
N ASN B 28 -34.76 -11.72 0.35
CA ASN B 28 -34.07 -12.81 1.04
C ASN B 28 -32.54 -12.53 1.09
N VAL B 29 -32.02 -12.30 2.29
CA VAL B 29 -30.59 -11.96 2.44
C VAL B 29 -29.84 -13.04 3.22
N VAL B 30 -28.60 -13.30 2.82
CA VAL B 30 -27.64 -14.04 3.66
C VAL B 30 -26.45 -13.11 3.96
N VAL B 31 -25.90 -13.25 5.16
CA VAL B 31 -24.70 -12.52 5.54
C VAL B 31 -23.62 -13.55 5.76
N LEU B 32 -22.55 -13.46 4.96
CA LEU B 32 -21.40 -14.35 5.12
C LEU B 32 -20.28 -13.64 5.91
N GLU B 33 -19.92 -14.20 7.07
CA GLU B 33 -18.98 -13.62 8.03
C GLU B 33 -17.84 -14.59 8.34
N ALA B 34 -16.61 -14.14 8.10
CA ALA B 34 -15.43 -14.95 8.28
C ALA B 34 -15.15 -15.41 9.73
N ARG B 35 -15.50 -14.57 10.71
CA ARG B 35 -15.17 -14.83 12.12
C ARG B 35 -16.24 -15.64 12.85
N ASP B 36 -15.90 -16.13 14.05
CA ASP B 36 -16.88 -16.80 14.89
C ASP B 36 -17.76 -15.80 15.63
N ARG B 37 -17.74 -14.55 15.18
CA ARG B 37 -18.52 -13.46 15.78
C ARG B 37 -18.89 -12.41 14.72
N VAL B 38 -19.87 -11.57 15.04
CA VAL B 38 -20.21 -10.35 14.25
C VAL B 38 -19.59 -9.10 14.89
N GLY B 39 -19.62 -7.96 14.20
CA GLY B 39 -19.05 -6.72 14.74
C GLY B 39 -17.76 -6.18 14.10
N GLY B 40 -16.88 -7.06 13.65
CA GLY B 40 -15.63 -6.66 12.97
C GLY B 40 -14.73 -5.80 13.83
N ARG B 41 -14.64 -4.52 13.46
CA ARG B 41 -13.80 -3.53 14.12
C ARG B 41 -14.42 -2.98 15.38
N THR B 42 -15.66 -3.37 15.67
CA THR B 42 -16.20 -3.19 17.01
C THR B 42 -16.17 -4.53 17.69
N TYR B 43 -15.90 -4.55 18.98
CA TYR B 43 -15.90 -5.78 19.73
C TYR B 43 -16.05 -5.44 21.21
N THR B 44 -17.12 -5.93 21.83
CA THR B 44 -17.39 -5.72 23.23
C THR B 44 -17.10 -6.98 24.06
N LEU B 45 -16.06 -6.89 24.89
CA LEU B 45 -15.72 -7.99 25.82
C LEU B 45 -16.53 -7.85 27.09
N ARG B 46 -17.08 -8.97 27.58
CA ARG B 46 -17.72 -9.02 28.90
C ARG B 46 -16.99 -10.00 29.85
N ASN B 47 -16.77 -9.53 31.07
CA ASN B 47 -16.32 -10.37 32.18
C ASN B 47 -16.64 -9.66 33.47
N GLN B 48 -16.54 -10.39 34.57
CA GLN B 48 -16.99 -9.85 35.83
C GLN B 48 -16.13 -8.64 36.25
N LYS B 49 -14.87 -8.61 35.81
CA LYS B 49 -13.94 -7.57 36.24
C LYS B 49 -14.23 -6.22 35.61
N VAL B 50 -14.72 -6.24 34.37
CA VAL B 50 -14.95 -5.01 33.63
C VAL B 50 -16.43 -4.72 33.41
N LYS B 51 -17.27 -5.72 33.75
CA LYS B 51 -18.65 -5.82 33.26
C LYS B 51 -18.73 -5.94 31.73
N TYR B 52 -18.50 -4.84 31.03
CA TYR B 52 -18.34 -4.84 29.57
C TYR B 52 -17.28 -3.81 29.17
N VAL B 53 -16.60 -4.03 28.07
CA VAL B 53 -15.64 -3.03 27.58
C VAL B 53 -15.47 -3.08 26.08
N ASP B 54 -15.52 -1.92 25.44
CA ASP B 54 -15.31 -1.80 24.00
C ASP B 54 -13.81 -1.87 23.71
N LEU B 55 -13.39 -2.92 23.02
CA LEU B 55 -11.99 -3.10 22.67
C LEU B 55 -11.75 -2.60 21.24
N GLY B 56 -12.83 -2.30 20.53
CA GLY B 56 -12.73 -1.75 19.16
C GLY B 56 -13.42 -0.38 19.09
N GLY B 57 -14.05 -0.07 17.95
CA GLY B 57 -14.86 1.17 17.88
C GLY B 57 -15.86 1.33 19.06
N SER B 58 -15.97 2.56 19.57
CA SER B 58 -16.73 2.87 20.79
C SER B 58 -17.50 4.24 20.82
N TYR B 59 -16.85 5.32 20.41
CA TYR B 59 -17.40 6.69 20.56
C TYR B 59 -18.35 7.08 19.48
N VAL B 60 -19.38 7.82 19.87
CA VAL B 60 -20.28 8.47 18.94
C VAL B 60 -20.56 9.85 19.47
N GLY B 61 -21.05 10.73 18.61
CA GLY B 61 -21.23 12.11 18.99
C GLY B 61 -22.14 12.83 18.03
N PRO B 62 -22.43 14.10 18.32
CA PRO B 62 -23.32 14.89 17.45
C PRO B 62 -22.87 14.90 16.00
N THR B 63 -23.85 15.03 15.10
CA THR B 63 -23.76 14.85 13.62
C THR B 63 -23.67 13.41 13.16
N GLN B 64 -23.46 12.48 14.09
CA GLN B 64 -23.45 11.06 13.69
C GLN B 64 -24.88 10.48 13.80
N ASN B 65 -25.79 11.07 13.03
CA ASN B 65 -27.21 10.75 13.12
C ASN B 65 -27.67 9.33 12.75
N ARG B 66 -26.97 8.69 11.82
CA ARG B 66 -27.36 7.35 11.36
C ARG B 66 -27.04 6.22 12.33
N ILE B 67 -25.88 6.27 12.95
CA ILE B 67 -25.53 5.25 13.94
C ILE B 67 -26.42 5.43 15.20
N LEU B 68 -26.74 6.67 15.51
CA LEU B 68 -27.60 6.96 16.66
C LEU B 68 -29.04 6.48 16.43
N ARG B 69 -29.58 6.68 15.24
CA ARG B 69 -30.93 6.20 14.92
C ARG B 69 -30.96 4.65 14.92
N LEU B 70 -30.02 4.01 14.23
CA LEU B 70 -30.02 2.56 14.16
C LEU B 70 -29.92 1.91 15.55
N ALA B 71 -29.02 2.45 16.38
CA ALA B 71 -28.86 1.97 17.73
C ALA B 71 -30.10 2.20 18.59
N LYS B 72 -30.76 3.36 18.45
CA LYS B 72 -31.97 3.65 19.19
C LYS B 72 -33.07 2.61 18.88
N GLU B 73 -33.25 2.30 17.60
CA GLU B 73 -34.21 1.27 17.13
C GLU B 73 -33.94 -0.12 17.73
N LEU B 74 -32.67 -0.47 17.90
CA LEU B 74 -32.29 -1.73 18.51
C LEU B 74 -32.44 -1.73 20.05
N GLY B 75 -32.82 -0.60 20.63
CA GLY B 75 -33.04 -0.51 22.10
C GLY B 75 -31.81 -0.09 22.91
N LEU B 76 -30.81 0.48 22.24
CA LEU B 76 -29.58 0.96 22.88
C LEU B 76 -29.70 2.42 23.35
N GLU B 77 -28.91 2.77 24.37
CA GLU B 77 -28.82 4.14 24.88
C GLU B 77 -27.35 4.56 24.99
N THR B 78 -27.11 5.86 24.87
CA THR B 78 -25.79 6.43 25.09
C THR B 78 -25.68 7.02 26.51
N TYR B 79 -24.42 7.15 26.94
CA TYR B 79 -24.06 8.04 28.05
C TYR B 79 -22.87 8.91 27.61
N LYS B 80 -22.65 9.99 28.36
CA LYS B 80 -21.64 11.01 28.08
C LYS B 80 -20.26 10.66 28.66
N VAL B 81 -19.22 10.78 27.84
CA VAL B 81 -17.83 10.55 28.28
C VAL B 81 -17.49 11.65 29.27
N ASN B 82 -16.85 11.29 30.37
CA ASN B 82 -16.58 12.28 31.39
C ASN B 82 -15.64 13.42 30.94
N GLU B 83 -16.17 14.63 30.90
CA GLU B 83 -15.38 15.81 30.61
C GLU B 83 -15.68 16.97 31.58
N VAL B 84 -16.15 16.67 32.79
CA VAL B 84 -16.48 17.71 33.78
C VAL B 84 -15.25 18.52 34.29
N GLU B 85 -14.21 17.80 34.69
CA GLU B 85 -13.02 18.44 35.25
C GLU B 85 -12.00 18.83 34.16
N ARG B 86 -10.80 19.23 34.58
CA ARG B 86 -9.84 19.85 33.68
C ARG B 86 -9.11 18.78 32.88
N LEU B 87 -8.80 19.10 31.62
CA LEU B 87 -7.97 18.26 30.76
C LEU B 87 -6.51 18.53 31.11
N ILE B 88 -5.58 17.64 30.73
CA ILE B 88 -4.16 17.85 30.96
C ILE B 88 -3.36 17.81 29.65
N HIS B 89 -2.44 18.77 29.48
CA HIS B 89 -1.45 18.73 28.40
C HIS B 89 -0.10 18.51 29.03
N HIS B 90 0.53 17.41 28.68
CA HIS B 90 1.81 17.09 29.27
C HIS B 90 2.92 17.44 28.33
N VAL B 91 3.69 18.46 28.68
CA VAL B 91 4.74 18.98 27.78
C VAL B 91 6.08 19.18 28.49
N LYS B 92 7.13 18.66 27.85
CA LYS B 92 8.48 18.65 28.39
C LYS B 92 8.47 18.24 29.86
N GLY B 93 7.87 17.09 30.12
CA GLY B 93 7.83 16.50 31.47
C GLY B 93 7.04 17.22 32.52
N LYS B 94 6.08 18.07 32.15
CA LYS B 94 5.15 18.65 33.13
C LYS B 94 3.72 18.79 32.64
N SER B 95 2.79 18.74 33.61
CA SER B 95 1.38 18.77 33.32
C SER B 95 0.79 20.18 33.42
N TYR B 96 0.13 20.60 32.34
CA TYR B 96 -0.52 21.91 32.28
C TYR B 96 -2.01 21.63 32.15
N PRO B 97 -2.75 21.75 33.25
CA PRO B 97 -4.18 21.51 33.17
C PRO B 97 -4.82 22.63 32.38
N PHE B 98 -5.87 22.31 31.64
CA PHE B 98 -6.62 23.31 30.89
C PHE B 98 -8.09 22.92 30.85
N ARG B 99 -8.94 23.93 30.85
CA ARG B 99 -10.37 23.74 30.67
C ARG B 99 -10.60 24.10 29.22
N GLY B 100 -11.79 23.84 28.70
CA GLY B 100 -12.04 24.11 27.29
C GLY B 100 -11.36 23.04 26.46
N PRO B 101 -11.79 22.87 25.20
CA PRO B 101 -11.39 21.73 24.38
C PRO B 101 -9.91 21.57 24.06
N PHE B 102 -9.18 22.66 23.83
CA PHE B 102 -7.83 22.56 23.24
C PHE B 102 -6.75 23.30 24.02
N PRO B 103 -5.54 22.70 24.11
CA PRO B 103 -4.54 23.18 25.05
C PRO B 103 -4.02 24.55 24.65
N PRO B 104 -4.04 25.51 25.59
CA PRO B 104 -3.63 26.89 25.31
C PRO B 104 -2.14 27.03 25.03
N VAL B 105 -1.80 28.07 24.27
CA VAL B 105 -0.44 28.38 23.88
C VAL B 105 -0.19 29.80 24.37
N TRP B 106 0.95 30.04 24.98
CA TRP B 106 1.22 31.34 25.61
C TRP B 106 2.19 32.29 24.89
N ASN B 107 3.28 31.75 24.34
CA ASN B 107 4.18 32.52 23.48
C ASN B 107 3.42 33.07 22.27
N PRO B 108 3.56 34.39 21.98
CA PRO B 108 2.77 35.06 20.93
C PRO B 108 3.04 34.57 19.50
N ILE B 109 4.31 34.27 19.21
CA ILE B 109 4.70 33.72 17.92
C ILE B 109 4.10 32.32 17.75
N THR B 110 4.32 31.49 18.75
CA THR B 110 3.82 30.13 18.78
C THR B 110 2.29 30.15 18.67
N TYR B 111 1.66 31.12 19.32
CA TYR B 111 0.20 31.25 19.31
C TYR B 111 -0.29 31.49 17.90
N LEU B 112 0.38 32.37 17.18
CA LEU B 112 0.01 32.69 15.80
C LEU B 112 0.19 31.46 14.90
N ASP B 113 1.26 30.68 15.13
CA ASP B 113 1.58 29.52 14.30
C ASP B 113 0.52 28.42 14.49
N HIS B 114 0.19 28.14 15.75
CA HIS B 114 -0.85 27.15 16.08
C HIS B 114 -2.17 27.54 15.48
N ASN B 115 -2.58 28.78 15.72
CA ASN B 115 -3.84 29.30 15.23
C ASN B 115 -3.92 29.19 13.73
N ASN B 116 -2.85 29.57 13.04
CA ASN B 116 -2.86 29.52 11.58
C ASN B 116 -2.94 28.09 11.07
N PHE B 117 -2.40 27.16 11.83
CA PHE B 117 -2.37 25.81 11.33
C PHE B 117 -3.77 25.16 11.29
N TRP B 118 -4.51 25.23 12.40
CA TRP B 118 -5.88 24.69 12.42
C TRP B 118 -6.77 25.37 11.39
N ARG B 119 -6.68 26.69 11.35
CA ARG B 119 -7.45 27.50 10.42
C ARG B 119 -7.15 27.14 8.97
N THR B 120 -5.87 26.92 8.66
CA THR B 120 -5.47 26.56 7.29
C THR B 120 -5.99 25.17 6.89
N MET B 121 -5.91 24.20 7.80
CA MET B 121 -6.47 22.87 7.54
C MET B 121 -7.97 22.92 7.18
N ASP B 122 -8.78 23.62 7.97
CA ASP B 122 -10.21 23.80 7.65
C ASP B 122 -10.42 24.59 6.36
N ASP B 123 -9.62 25.63 6.13
CA ASP B 123 -9.69 26.43 4.89
C ASP B 123 -9.46 25.54 3.66
N MET B 124 -8.43 24.69 3.74
CA MET B 124 -8.11 23.80 2.62
C MET B 124 -9.24 22.80 2.40
N GLY B 125 -9.80 22.26 3.48
CA GLY B 125 -10.92 21.31 3.39
C GLY B 125 -12.16 21.84 2.68
N ARG B 126 -12.38 23.15 2.77
CA ARG B 126 -13.54 23.79 2.10
C ARG B 126 -13.52 23.66 0.58
N GLU B 127 -12.34 23.45 0.00
CA GLU B 127 -12.24 23.24 -1.46
C GLU B 127 -12.28 21.76 -1.86
N ILE B 128 -12.42 20.88 -0.86
CA ILE B 128 -12.48 19.44 -1.11
C ILE B 128 -13.91 18.86 -1.02
N PRO B 129 -14.49 18.41 -2.16
CA PRO B 129 -15.84 17.83 -2.14
C PRO B 129 -15.86 16.49 -1.39
N SER B 130 -16.83 16.33 -0.49
CA SER B 130 -16.88 15.13 0.36
C SER B 130 -17.02 13.85 -0.44
N ASP B 131 -17.85 13.90 -1.47
CA ASP B 131 -18.14 12.74 -2.29
C ASP B 131 -17.21 12.56 -3.50
N ALA B 132 -16.23 13.45 -3.63
CA ALA B 132 -15.28 13.38 -4.76
C ALA B 132 -14.03 14.23 -4.44
N PRO B 133 -13.21 13.75 -3.48
CA PRO B 133 -12.05 14.56 -3.09
C PRO B 133 -11.07 14.78 -4.25
N TRP B 134 -10.99 13.83 -5.19
CA TRP B 134 -10.16 13.94 -6.42
C TRP B 134 -10.55 15.12 -7.31
N LYS B 135 -11.65 15.81 -6.96
CA LYS B 135 -12.14 16.95 -7.76
C LYS B 135 -11.78 18.29 -7.11
N ALA B 136 -11.12 18.25 -5.97
CA ALA B 136 -10.52 19.44 -5.36
C ALA B 136 -9.69 20.17 -6.43
N PRO B 137 -9.76 21.51 -6.49
CA PRO B 137 -9.08 22.23 -7.58
C PRO B 137 -7.59 21.94 -7.59
N LEU B 138 -6.97 21.80 -6.41
CA LEU B 138 -5.55 21.48 -6.29
C LEU B 138 -5.30 20.01 -5.92
N ALA B 139 -6.18 19.13 -6.42
CA ALA B 139 -6.20 17.73 -6.00
C ALA B 139 -4.86 17.01 -6.17
N GLU B 140 -4.24 17.14 -7.35
CA GLU B 140 -2.99 16.44 -7.65
C GLU B 140 -1.84 16.98 -6.80
N GLU B 141 -1.74 18.29 -6.74
CA GLU B 141 -0.70 18.91 -5.92
C GLU B 141 -0.74 18.48 -4.44
N TRP B 142 -1.94 18.46 -3.84
CA TRP B 142 -2.12 18.09 -2.43
C TRP B 142 -1.98 16.58 -2.24
N ASP B 143 -2.31 15.79 -3.27
CA ASP B 143 -2.21 14.34 -3.20
C ASP B 143 -0.78 13.83 -3.36
N ASN B 144 0.06 14.63 -4.01
CA ASN B 144 1.45 14.26 -4.28
C ASN B 144 2.43 14.59 -3.14
N MET B 145 1.88 15.13 -2.06
CA MET B 145 2.64 15.59 -0.90
C MET B 145 2.17 14.70 0.24
N THR B 146 3.05 14.36 1.18
CA THR B 146 2.60 13.73 2.40
C THR B 146 2.14 14.81 3.40
N MET B 147 1.45 14.39 4.46
CA MET B 147 1.11 15.33 5.54
C MET B 147 2.40 15.82 6.23
N LYS B 148 3.44 15.00 6.25
CA LYS B 148 4.72 15.47 6.79
C LYS B 148 5.25 16.69 6.01
N GLU B 149 5.26 16.63 4.67
CA GLU B 149 5.65 17.79 3.86
C GLU B 149 4.75 19.03 4.11
N LEU B 150 3.45 18.82 4.19
CA LEU B 150 2.54 19.94 4.47
C LEU B 150 2.89 20.57 5.83
N LEU B 151 3.04 19.77 6.87
CA LEU B 151 3.42 20.32 8.19
C LEU B 151 4.75 21.08 8.15
N ASP B 152 5.72 20.57 7.39
CA ASP B 152 7.02 21.26 7.22
C ASP B 152 6.86 22.62 6.57
N LYS B 153 5.96 22.73 5.59
CA LYS B 153 5.70 24.03 4.94
C LYS B 153 5.01 25.03 5.87
N LEU B 154 4.02 24.53 6.61
CA LEU B 154 3.07 25.41 7.33
C LEU B 154 3.50 25.90 8.71
N CYS B 155 4.22 25.05 9.42
CA CYS B 155 4.52 25.28 10.81
C CYS B 155 5.89 25.90 10.96
N TRP B 156 5.91 27.16 11.39
CA TRP B 156 7.18 27.87 11.67
C TRP B 156 7.80 27.55 13.05
N THR B 157 7.04 26.89 13.92
CA THR B 157 7.50 26.48 15.26
C THR B 157 7.47 24.95 15.44
N GLU B 158 8.48 24.42 16.15
CA GLU B 158 8.50 22.99 16.53
C GLU B 158 7.30 22.62 17.37
N SER B 159 6.87 23.54 18.23
CA SER B 159 5.68 23.31 19.06
C SER B 159 4.43 22.96 18.25
N ALA B 160 4.15 23.75 17.21
CA ALA B 160 2.95 23.54 16.40
C ALA B 160 3.09 22.25 15.62
N LYS B 161 4.30 22.03 15.11
CA LYS B 161 4.58 20.93 14.24
C LYS B 161 4.46 19.61 15.02
N GLN B 162 4.85 19.63 16.30
CA GLN B 162 4.72 18.44 17.15
C GLN B 162 3.25 18.13 17.49
N LEU B 163 2.50 19.17 17.86
CA LEU B 163 1.08 18.98 18.14
C LEU B 163 0.25 18.58 16.90
N ALA B 164 0.60 19.13 15.73
CA ALA B 164 -0.07 18.75 14.47
C ALA B 164 0.21 17.29 14.15
N THR B 165 1.42 16.86 14.47
CA THR B 165 1.86 15.50 14.22
C THR B 165 1.03 14.54 15.11
N LEU B 166 0.87 14.92 16.38
CA LEU B 166 0.09 14.11 17.31
C LEU B 166 -1.36 14.03 16.82
N PHE B 167 -1.89 15.17 16.34
CA PHE B 167 -3.26 15.23 15.83
C PHE B 167 -3.45 14.20 14.70
N VAL B 168 -2.51 14.18 13.74
CA VAL B 168 -2.56 13.25 12.61
C VAL B 168 -2.48 11.81 13.09
N ASN B 169 -1.50 11.54 13.98
CA ASN B 169 -1.34 10.20 14.53
C ASN B 169 -2.63 9.68 15.15
N LEU B 170 -3.29 10.52 15.96
CA LEU B 170 -4.48 10.08 16.68
C LEU B 170 -5.71 9.90 15.77
N CYS B 171 -5.93 10.82 14.85
CA CYS B 171 -7.06 10.75 13.93
C CYS B 171 -7.02 9.53 13.03
N VAL B 172 -5.83 9.17 12.53
CA VAL B 172 -5.73 8.15 11.47
C VAL B 172 -4.74 6.99 11.71
N THR B 173 -4.27 6.84 12.95
CA THR B 173 -3.31 5.77 13.33
C THR B 173 -2.18 5.51 12.30
N ALA B 174 -1.62 6.60 11.78
CA ALA B 174 -0.57 6.54 10.78
C ALA B 174 0.33 7.74 10.97
N GLU B 175 1.55 7.59 10.49
CA GLU B 175 2.55 8.63 10.60
C GLU B 175 2.26 9.69 9.53
N THR B 176 2.62 10.94 9.83
CA THR B 176 2.48 12.07 8.88
C THR B 176 3.15 11.81 7.53
N HIS B 177 4.28 11.10 7.53
CA HIS B 177 4.97 10.74 6.27
C HIS B 177 4.34 9.57 5.49
N GLU B 178 3.45 8.80 6.13
CA GLU B 178 2.79 7.67 5.45
C GLU B 178 1.59 8.07 4.59
N VAL B 179 1.02 9.25 4.84
CA VAL B 179 -0.31 9.59 4.30
C VAL B 179 -0.28 10.78 3.36
N SER B 180 -1.10 10.73 2.30
CA SER B 180 -1.40 11.83 1.45
C SER B 180 -2.01 13.04 2.18
N ALA B 181 -1.53 14.23 1.87
CA ALA B 181 -2.11 15.46 2.40
C ALA B 181 -3.54 15.64 1.95
N LEU B 182 -3.81 15.37 0.66
CA LEU B 182 -5.19 15.45 0.13
C LEU B 182 -6.14 14.56 0.93
N TRP B 183 -5.80 13.28 1.03
CA TRP B 183 -6.64 12.35 1.75
C TRP B 183 -6.88 12.74 3.23
N PHE B 184 -5.83 13.17 3.92
CA PHE B 184 -6.01 13.52 5.33
C PHE B 184 -6.88 14.77 5.50
N LEU B 185 -6.68 15.76 4.64
CA LEU B 185 -7.53 16.96 4.65
C LEU B 185 -8.99 16.65 4.33
N TRP B 186 -9.22 15.69 3.43
CA TRP B 186 -10.56 15.23 3.13
C TRP B 186 -11.16 14.56 4.35
N TYR B 187 -10.34 13.75 5.03
CA TYR B 187 -10.78 12.95 6.14
C TYR B 187 -11.33 13.82 7.26
N VAL B 188 -10.62 14.88 7.57
CA VAL B 188 -11.02 15.85 8.59
C VAL B 188 -12.26 16.63 8.16
N LYS B 189 -12.24 17.21 6.96
CA LYS B 189 -13.41 17.91 6.40
C LYS B 189 -14.69 17.04 6.42
N GLN B 190 -14.58 15.78 5.99
CA GLN B 190 -15.76 14.87 5.97
C GLN B 190 -16.23 14.43 7.36
N CYS B 191 -15.47 14.79 8.40
CA CYS B 191 -15.96 14.66 9.78
C CYS B 191 -16.47 16.01 10.34
N GLY B 192 -16.59 17.04 9.51
CA GLY B 192 -17.05 18.36 9.98
C GLY B 192 -15.97 19.34 10.44
N GLY B 193 -14.69 18.97 10.24
CA GLY B 193 -13.58 19.88 10.53
C GLY B 193 -12.76 19.54 11.77
N THR B 194 -11.70 20.31 12.00
CA THR B 194 -10.76 20.03 13.10
C THR B 194 -11.43 20.01 14.50
N THR B 195 -12.25 21.01 14.80
CA THR B 195 -12.96 21.08 16.10
C THR B 195 -13.86 19.88 16.31
N ARG B 196 -14.73 19.59 15.34
CA ARG B 196 -15.69 18.49 15.46
C ARG B 196 -15.00 17.14 15.60
N ILE B 197 -13.90 16.94 14.87
CA ILE B 197 -13.25 15.63 14.91
C ILE B 197 -12.52 15.39 16.24
N ALA B 198 -12.01 16.48 16.82
CA ALA B 198 -11.12 16.38 18.00
C ALA B 198 -11.82 16.58 19.37
N SER B 199 -13.08 16.97 19.34
CA SER B 199 -13.80 17.36 20.56
C SER B 199 -14.52 16.19 21.22
N THR B 200 -14.55 16.21 22.56
CA THR B 200 -15.37 15.30 23.34
C THR B 200 -16.75 15.97 23.43
N THR B 201 -16.93 16.93 24.33
CA THR B 201 -18.16 17.72 24.32
C THR B 201 -18.41 18.32 22.94
N ASN B 202 -19.56 17.98 22.36
CA ASN B 202 -19.98 18.53 21.05
C ASN B 202 -19.13 18.04 19.86
N GLY B 203 -18.44 16.91 20.05
CA GLY B 203 -17.71 16.29 18.92
C GLY B 203 -17.80 14.77 18.84
N GLY B 204 -16.90 14.18 18.06
CA GLY B 204 -16.89 12.73 17.84
C GLY B 204 -16.74 11.85 19.08
N GLN B 205 -16.13 12.37 20.14
CA GLN B 205 -15.89 11.57 21.35
C GLN B 205 -16.87 11.86 22.47
N GLU B 206 -18.05 12.40 22.16
CA GLU B 206 -18.95 12.80 23.22
C GLU B 206 -19.52 11.63 24.02
N ARG B 207 -19.82 10.53 23.35
CA ARG B 207 -20.65 9.50 23.93
C ARG B 207 -20.16 8.10 23.64
N LYS B 208 -20.57 7.16 24.49
CA LYS B 208 -20.45 5.71 24.27
C LYS B 208 -21.83 5.04 24.46
N PHE B 209 -21.97 3.82 23.94
CA PHE B 209 -23.17 3.04 24.15
C PHE B 209 -23.13 2.31 25.49
N VAL B 210 -24.22 2.41 26.25
CA VAL B 210 -24.41 1.62 27.46
C VAL B 210 -24.38 0.15 27.09
N GLY B 211 -23.49 -0.62 27.71
CA GLY B 211 -23.33 -2.04 27.38
C GLY B 211 -22.47 -2.32 26.14
N GLY B 212 -22.07 -1.27 25.41
CA GLY B 212 -21.09 -1.47 24.33
C GLY B 212 -21.62 -1.38 22.91
N SER B 213 -20.77 -0.94 22.00
CA SER B 213 -21.11 -0.82 20.58
C SER B 213 -21.28 -2.19 19.91
N GLY B 214 -20.68 -3.23 20.51
CA GLY B 214 -20.77 -4.57 19.94
C GLY B 214 -22.21 -5.06 19.82
N GLN B 215 -23.09 -4.45 20.63
CA GLN B 215 -24.52 -4.78 20.66
C GLN B 215 -25.26 -4.40 19.38
N VAL B 216 -24.80 -3.36 18.68
CA VAL B 216 -25.44 -3.02 17.40
C VAL B 216 -25.40 -4.25 16.45
N SER B 217 -24.22 -4.85 16.27
CA SER B 217 -24.14 -5.97 15.35
C SER B 217 -24.79 -7.26 15.86
N GLU B 218 -24.68 -7.49 17.17
CA GLU B 218 -25.28 -8.65 17.83
C GLU B 218 -26.79 -8.62 17.68
N ARG B 219 -27.40 -7.43 17.89
CA ARG B 219 -28.86 -7.32 17.86
C ARG B 219 -29.42 -7.38 16.44
N ILE B 220 -28.69 -6.90 15.44
CA ILE B 220 -29.14 -7.11 14.07
C ILE B 220 -29.05 -8.60 13.71
N MET B 221 -28.00 -9.28 14.18
CA MET B 221 -27.89 -10.72 13.99
C MET B 221 -29.06 -11.45 14.64
N ASP B 222 -29.45 -11.01 15.85
CA ASP B 222 -30.63 -11.54 16.56
C ASP B 222 -31.87 -11.37 15.68
N LEU B 223 -32.05 -10.18 15.13
CA LEU B 223 -33.13 -9.91 14.18
C LEU B 223 -33.14 -10.82 12.95
N LEU B 224 -31.95 -11.15 12.42
CA LEU B 224 -31.87 -11.86 11.15
C LEU B 224 -31.94 -13.39 11.30
N GLY B 225 -31.90 -13.86 12.55
CA GLY B 225 -32.00 -15.29 12.87
C GLY B 225 -30.88 -16.12 12.30
N ASP B 226 -31.23 -17.02 11.39
CA ASP B 226 -30.26 -17.97 10.85
C ASP B 226 -29.69 -17.51 9.50
N ARG B 227 -30.00 -16.28 9.12
CA ARG B 227 -29.48 -15.71 7.88
C ARG B 227 -28.00 -15.27 7.97
N VAL B 228 -27.47 -15.17 9.19
CA VAL B 228 -26.06 -14.86 9.44
C VAL B 228 -25.24 -16.17 9.56
N LYS B 229 -24.25 -16.33 8.68
CA LYS B 229 -23.41 -17.51 8.69
C LYS B 229 -22.01 -17.17 9.22
N LEU B 230 -21.73 -17.66 10.43
CA LEU B 230 -20.48 -17.38 11.10
C LEU B 230 -19.44 -18.37 10.65
N GLU B 231 -18.17 -17.97 10.66
CA GLU B 231 -17.07 -18.80 10.16
C GLU B 231 -17.28 -19.20 8.68
N ARG B 232 -17.67 -18.21 7.89
CA ARG B 232 -17.81 -18.33 6.44
C ARG B 232 -16.98 -17.27 5.70
N PRO B 233 -15.65 -17.40 5.72
CA PRO B 233 -14.88 -16.45 4.93
C PRO B 233 -15.17 -16.69 3.44
N VAL B 234 -15.47 -15.64 2.69
CA VAL B 234 -15.66 -15.76 1.25
C VAL B 234 -14.27 -15.88 0.58
N ILE B 235 -14.15 -16.83 -0.34
CA ILE B 235 -12.89 -17.12 -1.06
C ILE B 235 -12.99 -16.95 -2.58
N TYR B 236 -14.21 -16.92 -3.12
CA TYR B 236 -14.41 -16.98 -4.56
C TYR B 236 -15.73 -16.34 -4.96
N ILE B 237 -15.70 -15.44 -5.95
CA ILE B 237 -16.90 -14.87 -6.51
C ILE B 237 -16.91 -14.98 -8.04
N ASP B 238 -17.95 -15.63 -8.58
CA ASP B 238 -18.09 -15.91 -10.02
C ASP B 238 -19.31 -15.18 -10.55
N GLN B 239 -19.08 -14.27 -11.48
CA GLN B 239 -20.17 -13.50 -12.09
C GLN B 239 -20.46 -13.90 -13.54
N THR B 240 -19.88 -15.00 -14.01
CA THR B 240 -19.95 -15.36 -15.44
C THR B 240 -21.37 -15.81 -15.86
N ARG B 241 -22.18 -16.25 -14.89
CA ARG B 241 -23.49 -16.87 -15.17
C ARG B 241 -24.66 -15.96 -14.84
N GLU B 242 -25.87 -16.55 -14.92
CA GLU B 242 -27.15 -15.89 -14.68
C GLU B 242 -27.26 -15.35 -13.25
N ASN B 243 -26.97 -16.22 -12.27
CA ASN B 243 -26.88 -15.84 -10.86
C ASN B 243 -25.41 -15.68 -10.45
N VAL B 244 -25.12 -14.75 -9.53
CA VAL B 244 -23.79 -14.66 -8.91
C VAL B 244 -23.54 -15.90 -8.03
N LEU B 245 -22.36 -16.50 -8.13
CA LEU B 245 -21.97 -17.63 -7.27
C LEU B 245 -20.92 -17.17 -6.27
N VAL B 246 -21.17 -17.39 -4.98
CA VAL B 246 -20.24 -16.99 -3.93
C VAL B 246 -19.82 -18.21 -3.11
N GLU B 247 -18.54 -18.56 -3.12
CA GLU B 247 -18.08 -19.73 -2.37
C GLU B 247 -17.33 -19.33 -1.08
N THR B 248 -17.50 -20.13 -0.02
CA THR B 248 -16.78 -19.91 1.24
C THR B 248 -15.68 -20.97 1.46
N LEU B 249 -14.80 -20.70 2.43
CA LEU B 249 -13.64 -21.54 2.74
C LEU B 249 -14.02 -22.96 3.19
N ASN B 250 -15.09 -23.07 3.98
CA ASN B 250 -15.65 -24.38 4.35
C ASN B 250 -16.48 -25.02 3.23
N HIS B 251 -16.20 -24.63 1.99
CA HIS B 251 -16.72 -25.28 0.78
C HIS B 251 -18.22 -25.09 0.49
N GLU B 252 -18.88 -24.22 1.23
CA GLU B 252 -20.30 -23.91 0.99
C GLU B 252 -20.50 -23.02 -0.24
N MET B 253 -21.63 -23.21 -0.92
CA MET B 253 -21.96 -22.50 -2.15
C MET B 253 -23.20 -21.63 -1.96
N TYR B 254 -23.10 -20.37 -2.37
CA TYR B 254 -24.24 -19.45 -2.24
C TYR B 254 -24.52 -18.80 -3.58
N GLU B 255 -25.77 -18.46 -3.81
CA GLU B 255 -26.21 -18.05 -5.10
C GLU B 255 -27.19 -16.91 -4.90
N ALA B 256 -27.02 -15.86 -5.69
CA ALA B 256 -27.79 -14.64 -5.50
C ALA B 256 -27.85 -13.79 -6.75
N LYS B 257 -28.81 -12.89 -6.79
CA LYS B 257 -28.93 -11.91 -7.85
C LYS B 257 -27.88 -10.81 -7.72
N TYR B 258 -27.45 -10.52 -6.49
CA TYR B 258 -26.52 -9.40 -6.24
C TYR B 258 -25.65 -9.64 -5.02
N VAL B 259 -24.57 -8.86 -4.93
CA VAL B 259 -23.64 -8.96 -3.84
C VAL B 259 -23.31 -7.60 -3.23
N ILE B 260 -23.20 -7.56 -1.90
CA ILE B 260 -22.63 -6.42 -1.23
C ILE B 260 -21.33 -6.85 -0.56
N SER B 261 -20.26 -6.15 -0.95
CA SER B 261 -18.96 -6.30 -0.32
C SER B 261 -18.92 -5.32 0.84
N ALA B 262 -19.01 -5.81 2.07
CA ALA B 262 -19.01 -4.92 3.23
C ALA B 262 -17.75 -5.07 4.07
N ILE B 263 -16.62 -5.29 3.39
CA ILE B 263 -15.34 -5.52 4.06
C ILE B 263 -14.37 -4.36 3.72
N PRO B 264 -13.28 -4.19 4.52
CA PRO B 264 -12.25 -3.21 4.17
C PRO B 264 -11.72 -3.42 2.73
N PRO B 265 -11.59 -2.34 1.92
CA PRO B 265 -11.19 -2.48 0.50
C PRO B 265 -10.06 -3.48 0.25
N THR B 266 -8.96 -3.36 1.00
CA THR B 266 -7.82 -4.24 0.74
C THR B 266 -8.15 -5.71 1.01
N LEU B 267 -9.10 -5.98 1.90
CA LEU B 267 -9.50 -7.35 2.20
C LEU B 267 -10.24 -8.03 1.04
N GLY B 268 -10.60 -7.24 0.05
CA GLY B 268 -10.99 -7.72 -1.26
C GLY B 268 -9.97 -8.65 -1.88
N MET B 269 -8.68 -8.42 -1.60
CA MET B 269 -7.59 -9.27 -2.11
C MET B 269 -7.75 -10.75 -1.69
N LYS B 270 -8.42 -10.97 -0.55
CA LYS B 270 -8.64 -12.34 -0.05
C LYS B 270 -9.64 -13.17 -0.89
N ILE B 271 -10.26 -12.55 -1.90
CA ILE B 271 -11.28 -13.19 -2.73
C ILE B 271 -10.76 -13.36 -4.17
N HIS B 272 -10.86 -14.57 -4.71
CA HIS B 272 -10.54 -14.81 -6.13
C HIS B 272 -11.79 -14.53 -6.98
N PHE B 273 -11.64 -13.67 -7.98
CA PHE B 273 -12.77 -13.27 -8.83
C PHE B 273 -12.71 -13.90 -10.20
N ASN B 274 -13.91 -14.14 -10.73
CA ASN B 274 -14.14 -14.62 -12.07
C ASN B 274 -15.39 -13.88 -12.58
N PRO B 275 -15.27 -13.07 -13.65
CA PRO B 275 -14.02 -12.77 -14.38
C PRO B 275 -13.06 -11.95 -13.50
N PRO B 276 -11.79 -11.81 -13.90
CA PRO B 276 -10.92 -10.88 -13.15
C PRO B 276 -11.58 -9.51 -12.92
N LEU B 277 -11.23 -8.84 -11.82
CA LEU B 277 -11.72 -7.48 -11.57
C LEU B 277 -11.14 -6.57 -12.63
N PRO B 278 -11.83 -5.47 -12.94
CA PRO B 278 -11.21 -4.55 -13.90
C PRO B 278 -9.90 -3.99 -13.32
N MET B 279 -9.09 -3.43 -14.21
CA MET B 279 -7.72 -3.05 -13.90
C MET B 279 -7.62 -2.15 -12.65
N MET B 280 -8.40 -1.08 -12.60
CA MET B 280 -8.21 -0.07 -11.57
C MET B 280 -8.48 -0.61 -10.18
N ARG B 281 -9.53 -1.42 -10.05
CA ARG B 281 -9.84 -2.06 -8.78
C ARG B 281 -8.82 -3.14 -8.44
N ASN B 282 -8.36 -3.87 -9.45
CA ASN B 282 -7.33 -4.90 -9.24
C ASN B 282 -6.08 -4.32 -8.56
N GLN B 283 -5.70 -3.11 -8.96
CA GLN B 283 -4.53 -2.48 -8.35
C GLN B 283 -4.90 -1.69 -7.10
N MET B 284 -6.04 -1.02 -7.10
CA MET B 284 -6.43 -0.17 -5.97
C MET B 284 -6.38 -0.94 -4.65
N ILE B 285 -6.89 -2.17 -4.67
CA ILE B 285 -6.99 -2.97 -3.45
C ILE B 285 -5.65 -3.50 -2.86
N THR B 286 -4.54 -3.22 -3.54
CA THR B 286 -3.19 -3.52 -3.01
C THR B 286 -2.53 -2.22 -2.53
N ARG B 287 -3.26 -1.11 -2.67
CA ARG B 287 -2.69 0.23 -2.44
C ARG B 287 -3.25 0.95 -1.22
N VAL B 288 -4.05 0.26 -0.41
CA VAL B 288 -4.87 0.92 0.61
C VAL B 288 -4.81 0.20 1.96
N PRO B 289 -3.70 0.37 2.70
CA PRO B 289 -3.52 -0.27 4.00
C PRO B 289 -4.41 0.38 5.07
N LEU B 290 -4.56 -0.33 6.20
CA LEU B 290 -5.19 0.21 7.42
C LEU B 290 -4.10 0.52 8.46
N GLY B 291 -4.44 1.39 9.42
CA GLY B 291 -3.51 1.88 10.43
C GLY B 291 -3.19 0.86 11.50
N SER B 292 -2.45 1.31 12.50
CA SER B 292 -1.86 0.44 13.48
C SER B 292 -2.16 1.02 14.84
N VAL B 293 -2.79 0.20 15.68
CA VAL B 293 -3.24 0.66 16.98
C VAL B 293 -3.40 -0.53 17.94
N ILE B 294 -2.97 -0.32 19.18
CA ILE B 294 -3.35 -1.18 20.29
C ILE B 294 -4.22 -0.34 21.25
N LYS B 295 -5.42 -0.81 21.55
CA LYS B 295 -6.30 -0.08 22.47
C LYS B 295 -6.15 -0.70 23.85
N CYS B 296 -5.96 0.15 24.86
CA CYS B 296 -5.59 -0.29 26.21
C CYS B 296 -6.46 0.39 27.26
N ILE B 297 -6.95 -0.39 28.22
CA ILE B 297 -7.80 0.14 29.27
C ILE B 297 -7.24 -0.35 30.60
N VAL B 298 -6.84 0.60 31.45
CA VAL B 298 -6.35 0.33 32.80
C VAL B 298 -7.46 0.65 33.81
N TYR B 299 -7.74 -0.33 34.65
CA TYR B 299 -8.82 -0.26 35.62
C TYR B 299 -8.28 0.09 37.01
N TYR B 300 -9.03 0.90 37.75
CA TYR B 300 -8.64 1.27 39.10
C TYR B 300 -9.84 1.12 40.03
N LYS B 301 -9.56 1.09 41.32
CA LYS B 301 -10.59 0.95 42.36
C LYS B 301 -11.51 2.15 42.34
N GLU B 302 -10.95 3.35 42.14
CA GLU B 302 -11.75 4.57 42.04
C GLU B 302 -11.31 5.51 40.90
N PRO B 303 -12.21 6.40 40.43
CA PRO B 303 -11.70 7.36 39.45
C PRO B 303 -10.95 8.50 40.16
N PHE B 304 -9.80 8.17 40.73
CA PHE B 304 -9.08 9.08 41.66
C PHE B 304 -8.68 10.42 41.05
N TRP B 305 -8.54 10.49 39.72
CA TRP B 305 -8.22 11.74 39.01
C TRP B 305 -9.23 12.89 39.24
N ARG B 306 -10.51 12.55 39.37
CA ARG B 306 -11.58 13.51 39.66
C ARG B 306 -11.38 14.32 40.96
N LYS B 307 -10.80 13.71 41.98
CA LYS B 307 -10.52 14.42 43.25
C LYS B 307 -9.48 15.54 43.07
N LYS B 308 -8.61 15.40 42.08
CA LYS B 308 -7.63 16.46 41.80
C LYS B 308 -8.16 17.41 40.74
N ASP B 309 -9.47 17.34 40.49
CA ASP B 309 -10.10 18.15 39.45
C ASP B 309 -9.46 17.86 38.05
N TYR B 310 -9.17 16.58 37.78
CA TYR B 310 -8.79 16.13 36.44
C TYR B 310 -9.87 15.19 35.90
N CYS B 311 -10.26 15.37 34.64
CA CYS B 311 -11.33 14.56 34.07
C CYS B 311 -10.87 13.20 33.54
N GLY B 312 -9.56 13.04 33.34
CA GLY B 312 -9.05 11.78 32.78
C GLY B 312 -8.52 11.91 31.36
N THR B 313 -8.90 12.99 30.69
CA THR B 313 -8.34 13.33 29.38
C THR B 313 -6.90 13.85 29.50
N MET B 314 -5.96 13.21 28.79
CA MET B 314 -4.54 13.58 28.80
C MET B 314 -4.05 13.69 27.35
N ILE B 315 -3.30 14.74 27.05
CA ILE B 315 -2.59 14.91 25.77
C ILE B 315 -1.12 14.97 26.12
N ILE B 316 -0.35 13.99 25.63
CA ILE B 316 1.01 13.81 26.12
C ILE B 316 1.97 13.96 24.95
N ASP B 317 2.79 15.02 24.97
CA ASP B 317 3.79 15.24 23.90
C ASP B 317 4.91 14.20 23.97
N GLY B 318 5.55 13.92 22.84
CA GLY B 318 6.89 13.29 22.87
C GLY B 318 6.98 11.83 22.49
N GLU B 319 8.19 11.45 22.09
CA GLU B 319 8.48 10.10 21.59
C GLU B 319 8.48 9.05 22.71
N GLU B 320 8.85 9.47 23.91
CA GLU B 320 9.00 8.52 25.01
C GLU B 320 7.66 7.93 25.49
N ALA B 321 6.61 8.75 25.55
CA ALA B 321 5.24 8.32 25.96
C ALA B 321 4.63 7.17 25.13
N PRO B 322 4.24 6.06 25.76
CA PRO B 322 3.65 5.00 24.92
C PRO B 322 2.33 5.41 24.27
N VAL B 323 1.60 6.30 24.94
CA VAL B 323 0.25 6.70 24.57
C VAL B 323 0.21 8.21 24.51
N ALA B 324 -0.36 8.77 23.45
CA ALA B 324 -0.34 10.21 23.33
C ALA B 324 -1.62 10.86 23.78
N ALA B 325 -2.68 10.07 23.95
CA ALA B 325 -3.99 10.59 24.37
C ALA B 325 -4.87 9.54 25.07
N THR B 326 -5.64 10.03 26.05
CA THR B 326 -6.44 9.19 26.89
C THR B 326 -7.82 9.83 27.10
N LEU B 327 -8.77 9.00 27.52
CA LEU B 327 -10.04 9.48 27.99
C LEU B 327 -10.43 8.66 29.22
N ASP B 328 -11.29 9.24 30.06
CA ASP B 328 -11.93 8.51 31.15
C ASP B 328 -12.80 7.41 30.56
N ASP B 329 -12.58 6.16 30.98
CA ASP B 329 -13.46 5.07 30.53
C ASP B 329 -14.36 4.49 31.63
N THR B 330 -14.53 5.25 32.73
CA THR B 330 -15.40 4.85 33.85
C THR B 330 -16.86 4.78 33.39
N LYS B 331 -17.58 3.71 33.78
CA LYS B 331 -19.04 3.57 33.51
C LYS B 331 -19.82 4.72 34.12
N PRO B 332 -21.05 5.01 33.58
CA PRO B 332 -21.83 6.20 34.00
C PRO B 332 -22.10 6.24 35.51
N GLU B 333 -22.06 5.07 36.13
CA GLU B 333 -22.43 4.93 37.55
C GLU B 333 -21.30 5.39 38.49
N GLY B 334 -20.11 5.62 37.92
CA GLY B 334 -18.91 5.98 38.70
C GLY B 334 -18.09 4.77 39.11
N ASN B 335 -18.47 3.60 38.59
CA ASN B 335 -17.76 2.37 38.95
C ASN B 335 -17.05 1.77 37.75
N TYR B 336 -16.28 0.71 37.99
CA TYR B 336 -15.34 0.17 37.00
C TYR B 336 -14.39 1.29 36.49
N ALA B 337 -13.89 2.09 37.43
CA ALA B 337 -13.02 3.23 37.10
C ALA B 337 -11.92 2.80 36.16
N ALA B 338 -11.67 3.60 35.13
CA ALA B 338 -10.72 3.22 34.11
C ALA B 338 -10.26 4.39 33.25
N ILE B 339 -9.05 4.26 32.72
CA ILE B 339 -8.46 5.17 31.75
C ILE B 339 -8.23 4.40 30.44
N MET B 340 -8.75 4.95 29.35
CA MET B 340 -8.49 4.39 28.03
C MET B 340 -7.38 5.16 27.34
N GLY B 341 -6.43 4.45 26.76
CA GLY B 341 -5.38 5.06 25.94
C GLY B 341 -5.09 4.19 24.72
N PHE B 342 -4.56 4.80 23.64
CA PHE B 342 -4.28 4.13 22.35
C PHE B 342 -2.78 4.15 22.17
N ILE B 343 -2.19 3.03 21.76
CA ILE B 343 -0.79 3.03 21.34
C ILE B 343 -0.78 3.05 19.81
N LEU B 344 -0.18 4.08 19.25
CA LEU B 344 -0.47 4.51 17.87
C LEU B 344 0.68 4.30 16.90
N ALA B 345 0.38 3.75 15.73
CA ALA B 345 1.30 3.82 14.59
C ALA B 345 2.64 3.11 14.89
N HIS B 346 3.79 3.77 14.75
CA HIS B 346 5.08 3.10 14.95
C HIS B 346 5.28 2.61 16.38
N LYS B 347 4.66 3.30 17.34
CA LYS B 347 4.68 2.85 18.74
C LYS B 347 3.93 1.52 18.93
N ALA B 348 2.86 1.30 18.16
CA ALA B 348 2.16 0.02 18.21
C ALA B 348 3.07 -1.07 17.71
N ARG B 349 3.78 -0.80 16.62
CA ARG B 349 4.74 -1.74 16.04
C ARG B 349 5.87 -2.03 17.02
N LYS B 350 6.43 -0.97 17.60
CA LYS B 350 7.54 -1.11 18.56
C LYS B 350 7.18 -1.85 19.85
N LEU B 351 6.04 -1.52 20.43
CA LEU B 351 5.67 -2.01 21.75
C LEU B 351 4.93 -3.34 21.72
N ALA B 352 4.58 -3.81 20.53
CA ALA B 352 3.90 -5.09 20.36
C ALA B 352 4.78 -6.26 20.77
N ARG B 353 6.09 -6.06 20.68
CA ARG B 353 7.09 -7.06 21.07
C ARG B 353 7.05 -7.39 22.54
N LEU B 354 6.50 -6.47 23.34
CA LEU B 354 6.51 -6.61 24.79
C LEU B 354 5.39 -7.53 25.23
N THR B 355 5.44 -7.99 26.49
CA THR B 355 4.33 -8.73 27.08
C THR B 355 3.25 -7.76 27.51
N LYS B 356 2.07 -8.31 27.72
CA LYS B 356 0.92 -7.59 28.23
C LYS B 356 1.25 -6.89 29.56
N GLU B 357 1.89 -7.63 30.48
CA GLU B 357 2.28 -7.09 31.79
C GLU B 357 3.27 -5.94 31.67
N GLU B 358 4.22 -6.05 30.73
CA GLU B 358 5.18 -4.99 30.48
C GLU B 358 4.53 -3.72 29.90
N ARG B 359 3.49 -3.89 29.10
CA ARG B 359 2.75 -2.77 28.58
C ARG B 359 1.99 -2.09 29.70
N LEU B 360 1.35 -2.87 30.57
CA LEU B 360 0.64 -2.34 31.74
C LEU B 360 1.55 -1.48 32.61
N LYS B 361 2.75 -1.98 32.90
CA LYS B 361 3.72 -1.24 33.71
C LYS B 361 4.01 0.14 33.10
N LYS B 362 4.30 0.20 31.79
CA LYS B 362 4.63 1.47 31.09
C LYS B 362 3.51 2.50 31.15
N LEU B 363 2.30 2.02 30.87
CA LEU B 363 1.11 2.84 30.96
C LEU B 363 0.90 3.42 32.36
N CYS B 364 1.05 2.57 33.37
CA CYS B 364 0.79 2.96 34.76
C CYS B 364 1.79 4.02 35.24
N GLU B 365 3.08 3.80 34.91
CA GLU B 365 4.11 4.79 35.22
C GLU B 365 3.89 6.10 34.47
N LEU B 366 3.53 6.03 33.19
CA LEU B 366 3.17 7.25 32.46
C LEU B 366 2.00 8.03 33.14
N TYR B 367 0.89 7.35 33.39
CA TYR B 367 -0.27 7.99 34.00
C TYR B 367 0.06 8.58 35.38
N ALA B 368 0.89 7.87 36.16
CA ALA B 368 1.29 8.34 37.46
C ALA B 368 2.02 9.65 37.35
N LYS B 369 2.86 9.78 36.31
CA LYS B 369 3.64 10.99 36.09
C LYS B 369 2.73 12.12 35.66
N VAL B 370 1.80 11.83 34.75
CA VAL B 370 0.98 12.87 34.13
C VAL B 370 -0.13 13.36 35.08
N LEU B 371 -0.77 12.41 35.77
CA LEU B 371 -1.80 12.74 36.76
C LEU B 371 -1.20 13.18 38.10
N GLY B 372 0.08 12.89 38.33
CA GLY B 372 0.74 13.29 39.57
C GLY B 372 0.20 12.49 40.75
N SER B 373 -0.11 11.21 40.54
CA SER B 373 -0.61 10.33 41.63
C SER B 373 0.03 8.98 41.59
N LEU B 374 0.45 8.54 42.78
CA LEU B 374 0.86 7.18 43.02
C LEU B 374 -0.28 6.18 42.87
N GLU B 375 -1.51 6.67 42.82
CA GLU B 375 -2.65 5.74 42.70
C GLU B 375 -2.68 5.09 41.34
N ALA B 376 -2.14 5.78 40.33
CA ALA B 376 -2.01 5.20 38.99
C ALA B 376 -1.08 3.98 38.96
N LEU B 377 -0.26 3.81 39.99
CA LEU B 377 0.64 2.67 40.08
C LEU B 377 -0.02 1.39 40.61
N GLU B 378 -1.30 1.47 40.99
CA GLU B 378 -2.01 0.30 41.55
C GLU B 378 -3.26 -0.13 40.78
N PRO B 379 -3.06 -0.68 39.57
CA PRO B 379 -4.17 -1.10 38.73
C PRO B 379 -4.83 -2.35 39.32
N VAL B 380 -6.15 -2.46 39.19
CA VAL B 380 -6.86 -3.67 39.66
C VAL B 380 -7.14 -4.66 38.52
N HIS B 381 -7.08 -4.19 37.28
CA HIS B 381 -7.35 -5.00 36.09
C HIS B 381 -6.78 -4.32 34.84
N TYR B 382 -6.63 -5.09 33.76
CA TYR B 382 -6.10 -4.56 32.50
C TYR B 382 -6.72 -5.30 31.32
N GLU B 383 -7.16 -4.56 30.31
CA GLU B 383 -7.55 -5.15 29.01
C GLU B 383 -6.93 -4.38 27.83
N GLU B 384 -6.53 -5.11 26.81
CA GLU B 384 -5.96 -4.51 25.61
C GLU B 384 -6.31 -5.34 24.36
N LYS B 385 -6.28 -4.69 23.20
CA LYS B 385 -6.41 -5.38 21.93
C LYS B 385 -5.49 -4.77 20.87
N ASN B 386 -4.66 -5.62 20.26
CA ASN B 386 -3.81 -5.19 19.18
C ASN B 386 -4.47 -5.49 17.83
N TRP B 387 -5.00 -4.48 17.17
CA TRP B 387 -5.75 -4.70 15.94
C TRP B 387 -4.89 -5.04 14.72
N CYS B 388 -3.57 -4.90 14.89
CA CYS B 388 -2.63 -5.19 13.83
C CYS B 388 -2.58 -6.67 13.50
N GLU B 389 -2.92 -7.53 14.47
CA GLU B 389 -2.82 -8.97 14.29
C GLU B 389 -4.04 -9.63 13.59
N GLU B 390 -5.07 -8.84 13.32
CA GLU B 390 -6.35 -9.33 12.84
C GLU B 390 -6.39 -9.59 11.33
N GLN B 391 -6.28 -10.85 10.94
CA GLN B 391 -6.41 -11.22 9.53
C GLN B 391 -7.67 -10.65 8.83
N TYR B 392 -8.80 -10.56 9.54
CA TYR B 392 -10.01 -10.06 8.87
C TYR B 392 -10.37 -8.59 9.13
N SER B 393 -9.43 -7.86 9.73
CA SER B 393 -9.56 -6.40 9.73
C SER B 393 -8.42 -5.80 8.93
N GLY B 394 -7.19 -6.21 9.21
CA GLY B 394 -5.99 -5.61 8.58
C GLY B 394 -5.38 -4.45 9.38
N GLY B 395 -6.11 -3.99 10.40
CA GLY B 395 -5.72 -2.86 11.27
C GLY B 395 -6.93 -2.09 11.79
N CYS B 396 -6.66 -0.93 12.40
CA CYS B 396 -7.68 0.02 12.82
C CYS B 396 -7.09 1.43 12.87
N TYR B 397 -7.92 2.48 12.87
CA TYR B 397 -9.37 2.40 12.80
C TYR B 397 -9.82 2.05 11.39
N THR B 398 -9.11 2.62 10.40
CA THR B 398 -9.60 2.61 9.03
C THR B 398 -8.47 2.61 8.02
N THR B 399 -8.87 2.60 6.75
CA THR B 399 -7.96 2.65 5.61
C THR B 399 -7.37 4.06 5.41
N TYR B 400 -6.06 4.14 5.24
CA TYR B 400 -5.45 5.40 4.84
C TYR B 400 -4.91 5.33 3.41
N PHE B 401 -4.73 6.49 2.79
CA PHE B 401 -4.23 6.55 1.42
C PHE B 401 -2.85 7.20 1.41
N PRO B 402 -1.82 6.43 0.96
CA PRO B 402 -0.46 6.97 0.78
C PRO B 402 -0.44 8.00 -0.38
N PRO B 403 0.66 8.77 -0.54
CA PRO B 403 0.59 9.81 -1.59
C PRO B 403 0.41 9.25 -3.00
N GLY B 404 -0.44 9.95 -3.78
CA GLY B 404 -0.75 9.60 -5.16
C GLY B 404 -1.92 8.65 -5.37
N ILE B 405 -2.39 8.02 -4.31
CA ILE B 405 -3.37 6.95 -4.50
C ILE B 405 -4.81 7.43 -4.69
N LEU B 406 -5.22 8.43 -3.91
CA LEU B 406 -6.62 8.87 -3.91
C LEU B 406 -7.03 9.48 -5.25
N THR B 407 -6.19 10.34 -5.83
CA THR B 407 -6.50 10.87 -7.17
C THR B 407 -6.49 9.82 -8.28
N GLN B 408 -5.62 8.83 -8.20
CA GLN B 408 -5.46 7.84 -9.29
C GLN B 408 -6.48 6.70 -9.23
N TYR B 409 -6.90 6.35 -8.01
CA TYR B 409 -7.73 5.18 -7.78
C TYR B 409 -8.98 5.49 -6.97
N GLY B 410 -9.10 6.71 -6.45
CA GLY B 410 -10.17 6.98 -5.46
C GLY B 410 -11.59 6.77 -5.98
N ARG B 411 -11.80 7.07 -7.26
CA ARG B 411 -13.16 7.04 -7.78
C ARG B 411 -13.69 5.61 -7.94
N VAL B 412 -12.79 4.62 -7.90
CA VAL B 412 -13.21 3.24 -8.09
C VAL B 412 -13.73 2.58 -6.80
N LEU B 413 -13.46 3.20 -5.65
CA LEU B 413 -13.81 2.61 -4.32
C LEU B 413 -15.24 2.09 -4.21
N ARG B 414 -16.20 2.87 -4.69
CA ARG B 414 -17.57 2.41 -4.59
C ARG B 414 -18.27 2.16 -5.93
N GLN B 415 -17.51 2.25 -7.02
CA GLN B 415 -18.02 1.91 -8.35
C GLN B 415 -18.38 0.42 -8.40
N PRO B 416 -19.61 0.11 -8.83
CA PRO B 416 -20.04 -1.30 -8.87
C PRO B 416 -19.25 -2.11 -9.88
N VAL B 417 -18.94 -3.36 -9.52
CA VAL B 417 -18.37 -4.26 -10.48
C VAL B 417 -19.44 -5.28 -10.88
N ASP B 418 -20.12 -4.94 -11.99
CA ASP B 418 -21.24 -5.73 -12.54
C ASP B 418 -22.37 -5.86 -11.53
N ARG B 419 -22.47 -7.00 -10.83
CA ARG B 419 -23.50 -7.18 -9.79
C ARG B 419 -22.98 -7.06 -8.31
N ILE B 420 -21.74 -6.60 -8.15
CA ILE B 420 -21.16 -6.36 -6.81
C ILE B 420 -21.21 -4.88 -6.49
N TYR B 421 -21.81 -4.54 -5.35
CA TYR B 421 -21.87 -3.16 -4.85
C TYR B 421 -21.04 -3.07 -3.58
N PHE B 422 -20.55 -1.87 -3.27
CA PHE B 422 -19.53 -1.69 -2.23
C PHE B 422 -19.97 -0.90 -1.00
N ALA B 423 -20.01 -1.60 0.14
CA ALA B 423 -20.36 -0.94 1.40
C ALA B 423 -19.09 -0.80 2.24
N GLY B 424 -19.21 -0.70 3.57
CA GLY B 424 -18.02 -0.58 4.39
C GLY B 424 -17.71 0.88 4.67
N THR B 425 -17.24 1.18 5.89
CA THR B 425 -17.11 2.58 6.26
C THR B 425 -16.22 3.40 5.29
N GLU B 426 -15.28 2.74 4.62
CA GLU B 426 -14.34 3.42 3.74
C GLU B 426 -14.98 4.12 2.54
N THR B 427 -16.21 3.72 2.20
CA THR B 427 -16.91 4.24 1.05
C THR B 427 -17.95 5.33 1.42
N ALA B 428 -18.02 5.66 2.71
CA ALA B 428 -18.94 6.69 3.15
C ALA B 428 -18.46 8.07 2.77
N THR B 429 -19.36 9.05 2.86
CA THR B 429 -19.04 10.42 2.50
C THR B 429 -19.12 11.40 3.69
N HIS B 430 -19.53 10.89 4.85
CA HIS B 430 -19.61 11.71 6.07
C HIS B 430 -19.26 10.77 7.22
N TRP B 431 -18.21 11.08 7.98
CA TRP B 431 -17.69 10.18 9.01
C TRP B 431 -17.26 8.81 8.46
N SER B 432 -16.77 8.79 7.24
CA SER B 432 -16.02 7.62 6.77
C SER B 432 -14.92 7.32 7.78
N GLY B 433 -14.70 6.04 8.05
CA GLY B 433 -13.75 5.59 9.06
C GLY B 433 -14.40 5.25 10.42
N TYR B 434 -15.62 5.75 10.62
CA TYR B 434 -16.40 5.59 11.86
C TYR B 434 -17.60 4.61 11.70
N MET B 435 -18.14 4.15 12.83
CA MET B 435 -19.40 3.41 12.88
C MET B 435 -20.49 4.11 12.08
N GLU B 436 -20.55 5.44 12.21
CA GLU B 436 -21.47 6.27 11.43
C GLU B 436 -21.32 6.07 9.92
N GLY B 437 -20.10 6.17 9.42
CA GLY B 437 -19.81 5.85 8.02
C GLY B 437 -20.20 4.44 7.57
N ALA B 438 -20.05 3.46 8.44
CA ALA B 438 -20.44 2.09 8.14
C ALA B 438 -21.94 1.95 7.83
N VAL B 439 -22.78 2.66 8.60
CA VAL B 439 -24.24 2.70 8.41
C VAL B 439 -24.62 3.46 7.14
N GLU B 440 -24.11 4.67 6.96
CA GLU B 440 -24.26 5.41 5.69
C GLU B 440 -24.00 4.52 4.47
N ALA B 441 -22.85 3.85 4.45
CA ALA B 441 -22.39 3.06 3.32
C ALA B 441 -23.18 1.76 3.11
N GLY B 442 -23.47 1.05 4.19
CA GLY B 442 -24.29 -0.19 4.10
C GLY B 442 -25.68 0.09 3.56
N GLU B 443 -26.33 1.10 4.10
CA GLU B 443 -27.66 1.49 3.66
C GLU B 443 -27.70 1.98 2.22
N ARG B 444 -26.71 2.78 1.80
CA ARG B 444 -26.61 3.28 0.42
C ARG B 444 -26.37 2.14 -0.59
N ALA B 445 -25.54 1.17 -0.22
CA ALA B 445 -25.23 0.06 -1.10
C ALA B 445 -26.45 -0.85 -1.23
N ALA B 446 -27.20 -0.99 -0.12
CA ALA B 446 -28.49 -1.67 -0.10
C ALA B 446 -29.51 -0.96 -1.02
N ARG B 447 -29.60 0.36 -0.94
CA ARG B 447 -30.48 1.11 -1.85
C ARG B 447 -30.07 1.11 -3.33
N GLU B 448 -28.76 1.02 -3.62
CA GLU B 448 -28.26 0.90 -5.00
C GLU B 448 -28.86 -0.36 -5.61
N ILE B 449 -28.79 -1.47 -4.87
CA ILE B 449 -29.42 -2.73 -5.27
C ILE B 449 -30.95 -2.64 -5.41
N LEU B 450 -31.64 -2.08 -4.41
CA LEU B 450 -33.09 -1.78 -4.58
C LEU B 450 -33.41 -1.05 -5.90
N HIS B 451 -32.57 -0.09 -6.28
CA HIS B 451 -32.80 0.69 -7.52
C HIS B 451 -32.47 -0.10 -8.80
N ALA B 452 -31.36 -0.84 -8.78
CA ALA B 452 -31.06 -1.84 -9.82
C ALA B 452 -32.23 -2.81 -10.02
N MET B 453 -32.91 -3.18 -8.93
CA MET B 453 -34.09 -4.06 -9.01
C MET B 453 -35.40 -3.36 -9.46
N GLY B 454 -35.36 -2.04 -9.63
CA GLY B 454 -36.53 -1.27 -10.07
C GLY B 454 -37.50 -0.91 -8.94
N LYS B 455 -37.13 -1.18 -7.70
CA LYS B 455 -38.02 -1.04 -6.56
C LYS B 455 -38.09 0.37 -5.98
N ILE B 456 -37.09 1.21 -6.29
CA ILE B 456 -37.06 2.62 -5.88
C ILE B 456 -36.41 3.45 -6.98
N PRO B 457 -36.70 4.77 -7.02
CA PRO B 457 -36.05 5.62 -8.03
C PRO B 457 -34.62 6.02 -7.65
N GLU B 458 -33.86 6.52 -8.62
CA GLU B 458 -32.46 6.95 -8.45
C GLU B 458 -32.27 7.96 -7.30
N ASP B 459 -33.12 9.00 -7.24
CA ASP B 459 -33.00 10.06 -6.23
C ASP B 459 -33.17 9.60 -4.78
N GLU B 460 -33.52 8.33 -4.60
CA GLU B 460 -33.63 7.71 -3.28
C GLU B 460 -32.42 6.86 -2.87
N ILE B 461 -31.37 6.83 -3.70
CA ILE B 461 -30.17 6.05 -3.37
C ILE B 461 -29.42 6.65 -2.18
N TRP B 462 -29.25 7.96 -2.19
CA TRP B 462 -28.64 8.69 -1.09
C TRP B 462 -29.74 9.40 -0.34
N GLN B 463 -29.86 9.09 0.95
CA GLN B 463 -30.94 9.61 1.77
C GLN B 463 -30.39 10.39 2.98
N SER B 464 -30.91 11.61 3.19
CA SER B 464 -30.54 12.42 4.36
C SER B 464 -31.09 11.80 5.66
N GLU B 465 -30.55 12.23 6.79
CA GLU B 465 -30.92 11.67 8.08
C GLU B 465 -31.37 12.77 9.02
N PRO B 466 -32.57 12.64 9.60
CA PRO B 466 -33.00 13.66 10.56
C PRO B 466 -32.11 13.65 11.81
N GLU B 467 -31.89 14.83 12.40
CA GLU B 467 -31.00 14.99 13.55
C GLU B 467 -31.56 14.27 14.79
N SER B 468 -30.70 13.53 15.49
CA SER B 468 -31.04 12.88 16.75
C SER B 468 -31.54 13.88 17.80
N VAL B 469 -32.67 13.56 18.45
CA VAL B 469 -33.17 14.42 19.54
C VAL B 469 -32.36 14.26 20.82
N ASP B 470 -31.76 13.09 20.98
CA ASP B 470 -30.97 12.77 22.16
C ASP B 470 -29.59 13.41 22.17
N VAL B 471 -28.98 13.52 20.98
CA VAL B 471 -27.61 14.01 20.81
C VAL B 471 -27.61 15.13 19.75
N PRO B 472 -28.13 16.32 20.10
CA PRO B 472 -28.13 17.39 19.11
C PRO B 472 -26.77 18.12 19.01
N ALA B 473 -26.56 18.70 17.84
CA ALA B 473 -25.33 19.40 17.51
C ALA B 473 -25.45 20.91 17.70
N GLN B 474 -24.46 21.49 18.37
CA GLN B 474 -24.30 22.93 18.45
C GLN B 474 -23.33 23.38 17.36
N PRO B 475 -23.48 24.62 16.87
CA PRO B 475 -22.61 25.04 15.76
C PRO B 475 -21.14 25.12 16.18
N ILE B 476 -20.22 25.01 15.22
CA ILE B 476 -18.79 25.25 15.46
C ILE B 476 -18.54 26.75 15.23
N THR B 477 -18.00 27.42 16.25
CA THR B 477 -17.74 28.85 16.15
C THR B 477 -16.25 29.15 16.20
N THR B 478 -15.86 30.27 15.59
CA THR B 478 -14.52 30.83 15.76
C THR B 478 -14.62 32.30 16.22
N THR B 479 -13.61 32.76 16.97
CA THR B 479 -13.57 34.16 17.41
C THR B 479 -13.02 35.05 16.30
N PHE B 480 -13.25 36.37 16.42
CA PHE B 480 -12.76 37.35 15.45
C PHE B 480 -11.24 37.25 15.24
N LEU B 481 -10.49 37.20 16.34
CA LEU B 481 -9.04 37.08 16.30
C LEU B 481 -8.57 35.79 15.64
N GLU B 482 -9.24 34.68 15.95
CA GLU B 482 -8.92 33.38 15.33
C GLU B 482 -9.00 33.47 13.82
N ARG B 483 -10.03 34.13 13.30
CA ARG B 483 -10.19 34.35 11.87
C ARG B 483 -9.15 35.29 11.21
N HIS B 484 -8.71 36.33 11.92
CA HIS B 484 -7.93 37.40 11.27
C HIS B 484 -6.48 37.61 11.74
N LEU B 485 -6.08 36.99 12.85
CA LEU B 485 -4.67 37.10 13.23
C LEU B 485 -3.82 36.50 12.11
N PRO B 486 -2.66 37.11 11.84
CA PRO B 486 -1.75 36.63 10.79
C PRO B 486 -1.03 35.33 11.17
N SER B 487 -0.52 34.65 10.16
CA SER B 487 0.39 33.54 10.37
C SER B 487 1.77 34.15 10.71
N VAL B 488 2.76 33.29 10.97
CA VAL B 488 4.12 33.75 11.22
C VAL B 488 4.72 34.47 9.99
N PRO B 489 4.72 33.82 8.79
CA PRO B 489 5.23 34.56 7.63
C PRO B 489 4.43 35.85 7.34
N GLY B 490 3.18 35.89 7.79
CA GLY B 490 2.32 37.06 7.62
C GLY B 490 2.69 38.21 8.54
N LEU B 491 3.06 37.89 9.77
CA LEU B 491 3.55 38.87 10.73
C LEU B 491 4.92 39.38 10.27
N LEU B 492 5.74 38.49 9.71
CA LEU B 492 7.03 38.85 9.12
C LEU B 492 6.88 39.82 7.93
N ARG B 493 5.84 39.63 7.11
CA ARG B 493 5.60 40.49 5.94
C ARG B 493 5.20 41.90 6.36
N LEU B 494 4.60 42.02 7.53
CA LEU B 494 4.30 43.32 8.14
C LEU B 494 5.51 43.90 8.89
N ILE B 495 6.70 43.31 8.66
CA ILE B 495 7.94 43.76 9.31
C ILE B 495 9.14 43.76 8.35
#